data_5IF6
#
_entry.id   5IF6
#
_cell.length_a   80.020
_cell.length_b   100.787
_cell.length_c   118.154
_cell.angle_alpha   90.000
_cell.angle_beta   90.000
_cell.angle_gamma   90.000
#
_symmetry.space_group_name_H-M   'P 21 21 21'
#
loop_
_entity.id
_entity.type
_entity.pdbx_description
1 polymer OHP9_1c
2 non-polymer (9beta)-17-hydroxypregn-4-ene-3,20-dione
3 non-polymer 'SODIUM ION'
4 water water
#
_entity_poly.entity_id   1
_entity_poly.type   'polypeptide(L)'
_entity_poly.pdbx_seq_one_letter_code
;TQSPALIASQSLGRCTQAKDREGWLALMADDVVIETPIGKSVTNPDGSGIKGKEAVGAFWDTHIADDRVTVTCEETFPSS
SPDEIAHILVAHAEFDGGFTSEVRGVFTYRVNKAGLITNLRGYYNLDMMTFGNQ
;
_entity_poly.pdbx_strand_id   A,B,C,D,E,F
#
loop_
_chem_comp.id
_chem_comp.type
_chem_comp.name
_chem_comp.formula
3QZ non-polymer (9beta)-17-hydroxypregn-4-ene-3,20-dione 'C21 H30 O3'
NA non-polymer 'SODIUM ION' 'Na 1'
#
# COMPACT_ATOMS: atom_id res chain seq x y z
N THR A 1 -4.41 12.68 -8.08
CA THR A 1 -4.07 11.36 -7.48
C THR A 1 -2.59 11.30 -7.08
N GLN A 2 -2.35 10.89 -5.84
CA GLN A 2 -0.99 10.69 -5.34
C GLN A 2 -0.62 9.23 -5.51
N SER A 3 0.63 8.96 -5.86
CA SER A 3 1.03 7.59 -6.10
C SER A 3 1.23 6.89 -4.77
N PRO A 4 1.10 5.55 -4.76
CA PRO A 4 1.25 4.81 -3.51
C PRO A 4 2.61 5.02 -2.85
N ALA A 5 3.63 5.26 -3.67
CA ALA A 5 4.98 5.50 -3.17
C ALA A 5 5.06 6.83 -2.43
N LEU A 6 4.57 7.89 -3.06
CA LEU A 6 4.60 9.23 -2.46
C LEU A 6 3.78 9.30 -1.18
N ILE A 7 2.60 8.72 -1.20
CA ILE A 7 1.75 8.66 -0.02
C ILE A 7 2.48 7.96 1.12
N ALA A 8 3.11 6.84 0.81
CA ALA A 8 3.83 6.03 1.80
C ALA A 8 4.99 6.81 2.41
N SER A 9 5.81 7.43 1.57
CA SER A 9 7.00 8.14 2.03
C SER A 9 6.64 9.31 2.92
N GLN A 10 5.63 10.08 2.52
CA GLN A 10 5.19 11.24 3.29
C GLN A 10 4.55 10.81 4.61
N SER A 11 3.81 9.71 4.57
CA SER A 11 3.16 9.19 5.76
C SER A 11 4.19 8.73 6.79
N LEU A 12 5.28 8.16 6.28
CA LEU A 12 6.36 7.67 7.12
C LEU A 12 6.98 8.83 7.90
N GLY A 13 7.14 9.96 7.22
CA GLY A 13 7.72 11.14 7.85
C GLY A 13 6.82 11.76 8.90
N ARG A 14 5.52 11.78 8.64
CA ARG A 14 4.57 12.35 9.58
C ARG A 14 4.52 11.52 10.86
N CYS A 15 4.60 10.21 10.71
CA CYS A 15 4.59 9.30 11.85
C CYS A 15 5.89 9.43 12.65
N THR A 16 6.97 9.78 11.95
CA THR A 16 8.26 9.95 12.60
C THR A 16 8.29 11.22 13.43
N GLN A 17 7.75 12.30 12.85
CA GLN A 17 7.72 13.60 13.53
C GLN A 17 6.72 13.65 14.68
N ALA A 18 5.97 12.56 14.85
CA ALA A 18 4.97 12.47 15.91
C ALA A 18 5.26 11.29 16.82
N LYS A 19 6.37 10.61 16.56
CA LYS A 19 6.78 9.44 17.35
C LYS A 19 5.65 8.43 17.53
N ASP A 20 4.91 8.20 16.45
CA ASP A 20 3.83 7.23 16.45
C ASP A 20 4.37 5.89 15.99
N ARG A 21 4.93 5.13 16.94
CA ARG A 21 5.58 3.86 16.66
C ARG A 21 4.67 2.89 15.90
N GLU A 22 3.44 2.73 16.39
CA GLU A 22 2.51 1.76 15.82
C GLU A 22 2.10 2.15 14.40
N GLY A 23 1.80 3.43 14.20
CA GLY A 23 1.43 3.93 12.88
C GLY A 23 2.59 3.84 11.91
N TRP A 24 3.80 4.06 12.42
CA TRP A 24 5.02 3.99 11.63
C TRP A 24 5.22 2.59 11.05
N LEU A 25 5.05 1.58 11.90
CA LEU A 25 5.26 0.19 11.49
C LEU A 25 4.15 -0.31 10.56
N ALA A 26 2.95 0.25 10.71
CA ALA A 26 1.81 -0.17 9.92
C ALA A 26 1.94 0.22 8.46
N LEU A 27 2.87 1.13 8.17
CA LEU A 27 3.11 1.57 6.80
C LEU A 27 4.06 0.63 6.07
N MET A 28 4.58 -0.37 6.77
CA MET A 28 5.59 -1.27 6.23
C MET A 28 5.08 -2.67 6.05
N ALA A 29 5.69 -3.40 5.11
CA ALA A 29 5.38 -4.81 4.91
C ALA A 29 6.15 -5.62 5.94
N ASP A 30 5.72 -6.86 6.17
CA ASP A 30 6.35 -7.71 7.18
C ASP A 30 7.78 -8.05 6.80
N ASP A 31 8.09 -7.98 5.51
CA ASP A 31 9.41 -8.31 5.00
C ASP A 31 10.18 -7.04 4.60
N VAL A 32 9.87 -5.94 5.28
CA VAL A 32 10.50 -4.66 4.98
C VAL A 32 12.01 -4.72 5.22
N VAL A 33 12.76 -4.03 4.36
CA VAL A 33 14.21 -3.93 4.52
C VAL A 33 14.62 -2.46 4.49
N ILE A 34 15.15 -1.98 5.62
CA ILE A 34 15.59 -0.61 5.76
C ILE A 34 17.12 -0.55 5.72
N GLU A 35 17.65 0.22 4.77
CA GLU A 35 19.09 0.39 4.61
C GLU A 35 19.46 1.87 4.71
N THR A 36 19.59 2.37 5.94
CA THR A 36 19.94 3.77 6.18
C THR A 36 21.21 3.87 7.01
N PRO A 37 22.37 4.01 6.34
CA PRO A 37 22.59 4.07 4.90
C PRO A 37 22.80 2.69 4.28
N ILE A 38 23.08 2.68 2.98
CA ILE A 38 23.51 1.46 2.30
C ILE A 38 24.95 1.19 2.69
N GLY A 39 25.21 -0.01 3.21
CA GLY A 39 26.54 -0.39 3.67
C GLY A 39 26.64 -0.44 5.19
N LYS A 40 27.80 -0.88 5.68
CA LYS A 40 28.01 -1.08 7.13
C LYS A 40 28.04 0.23 7.92
N SER A 41 27.28 0.26 9.00
CA SER A 41 27.19 1.44 9.86
C SER A 41 26.50 1.09 11.18
N VAL A 42 26.49 2.03 12.13
CA VAL A 42 25.81 1.83 13.40
C VAL A 42 24.30 1.68 13.19
N THR A 43 23.79 2.31 12.15
CA THR A 43 22.37 2.20 11.83
C THR A 43 22.12 1.11 10.79
N ASN A 44 23.20 0.45 10.35
CA ASN A 44 23.10 -0.71 9.46
C ASN A 44 24.25 -1.68 9.73
N PRO A 45 24.20 -2.36 10.90
CA PRO A 45 25.33 -3.14 11.44
C PRO A 45 26.00 -4.11 10.47
N ASP A 46 25.25 -5.00 9.84
CA ASP A 46 25.84 -6.01 8.97
C ASP A 46 26.00 -5.49 7.53
N GLY A 47 25.46 -4.31 7.27
CA GLY A 47 25.59 -3.68 5.95
C GLY A 47 24.67 -4.24 4.89
N SER A 48 23.70 -5.06 5.30
CA SER A 48 22.73 -5.65 4.38
C SER A 48 21.31 -5.18 4.70
N GLY A 49 21.19 -4.29 5.69
CA GLY A 49 19.92 -3.68 6.04
C GLY A 49 19.24 -4.31 7.25
N ILE A 50 18.29 -3.58 7.81
CA ILE A 50 17.48 -4.07 8.93
C ILE A 50 16.23 -4.75 8.37
N LYS A 51 16.14 -6.07 8.59
CA LYS A 51 15.11 -6.88 7.91
C LYS A 51 14.03 -7.40 8.85
N GLY A 52 12.80 -7.07 8.53
CA GLY A 52 11.70 -7.50 9.33
C GLY A 52 11.08 -6.43 10.16
N LYS A 53 9.84 -6.61 10.50
CA LYS A 53 9.13 -5.65 11.29
C LYS A 53 9.55 -5.64 12.72
N GLU A 54 10.11 -6.72 13.20
CA GLU A 54 10.53 -6.80 14.58
C GLU A 54 11.81 -6.05 14.73
N ALA A 55 12.71 -6.29 13.83
CA ALA A 55 13.99 -5.65 13.83
C ALA A 55 13.92 -4.18 13.52
N VAL A 56 12.88 -3.73 12.83
CA VAL A 56 12.76 -2.31 12.55
C VAL A 56 12.09 -1.66 13.72
N GLY A 57 11.38 -2.43 14.51
CA GLY A 57 10.75 -1.93 15.69
C GLY A 57 11.86 -1.67 16.67
N ALA A 58 12.80 -2.58 16.73
CA ALA A 58 13.92 -2.39 17.63
C ALA A 58 14.72 -1.18 17.19
N PHE A 59 14.90 -1.05 15.88
CA PHE A 59 15.62 0.08 15.29
C PHE A 59 14.97 1.40 15.69
N TRP A 60 13.64 1.43 15.66
CA TRP A 60 12.89 2.62 16.07
C TRP A 60 13.20 2.96 17.52
N ASP A 61 13.13 1.94 18.38
CA ASP A 61 13.38 2.12 19.80
C ASP A 61 14.79 2.63 20.04
N THR A 62 15.76 2.04 19.35
CA THR A 62 17.17 2.35 19.56
C THR A 62 17.60 3.71 19.01
N HIS A 63 17.02 4.13 17.88
CA HIS A 63 17.56 5.26 17.12
C HIS A 63 16.58 6.40 16.82
N ILE A 64 15.28 6.19 17.02
CA ILE A 64 14.29 7.20 16.67
C ILE A 64 13.48 7.70 17.87
N ALA A 65 12.95 6.76 18.65
CA ALA A 65 12.03 7.08 19.73
C ALA A 65 12.50 8.22 20.63
N ASP A 66 13.67 8.07 21.23
CA ASP A 66 14.17 9.05 22.19
C ASP A 66 15.29 9.90 21.60
N ASP A 67 15.31 10.03 20.27
CA ASP A 67 16.37 10.78 19.59
C ASP A 67 15.82 11.97 18.80
N ARG A 68 14.53 12.26 18.98
CA ARG A 68 13.91 13.44 18.37
C ARG A 68 14.17 13.54 16.87
N VAL A 69 14.04 12.41 16.17
CA VAL A 69 14.32 12.38 14.75
C VAL A 69 13.24 13.10 13.96
N THR A 70 13.68 14.00 13.07
CA THR A 70 12.78 14.70 12.16
C THR A 70 13.37 14.69 10.76
N VAL A 71 12.55 14.30 9.78
CA VAL A 71 12.98 14.26 8.40
C VAL A 71 12.27 15.35 7.60
N THR A 72 13.05 16.06 6.78
CA THR A 72 12.54 17.16 5.94
C THR A 72 12.84 16.89 4.47
N CYS A 73 11.80 16.99 3.65
CA CYS A 73 11.96 16.80 2.21
C CYS A 73 12.42 18.07 1.52
N GLU A 74 13.50 17.95 0.74
CA GLU A 74 14.05 19.09 0.02
C GLU A 74 13.62 19.06 -1.45
N GLU A 75 13.57 17.86 -2.02
CA GLU A 75 13.20 17.70 -3.41
C GLU A 75 12.73 16.27 -3.68
N THR A 76 11.68 16.14 -4.50
CA THR A 76 11.10 14.85 -4.81
C THR A 76 11.38 14.45 -6.26
N PHE A 77 11.77 13.19 -6.45
CA PHE A 77 12.03 12.64 -7.78
C PHE A 77 11.16 11.41 -8.07
N PRO A 78 9.99 11.63 -8.70
CA PRO A 78 9.15 10.50 -9.09
C PRO A 78 9.80 9.67 -10.19
N SER A 79 9.39 8.40 -10.31
CA SER A 79 9.82 7.55 -11.41
C SER A 79 8.62 7.37 -12.35
N SER A 80 8.76 6.44 -13.29
CA SER A 80 7.65 6.11 -14.19
C SER A 80 6.87 4.93 -13.62
N SER A 81 7.16 4.60 -12.36
CA SER A 81 6.41 3.60 -11.61
C SER A 81 5.76 4.23 -10.39
N PRO A 82 4.48 3.92 -10.13
CA PRO A 82 3.85 4.54 -8.96
C PRO A 82 4.31 3.91 -7.64
N ASP A 83 5.13 2.86 -7.73
CA ASP A 83 5.56 2.11 -6.54
C ASP A 83 6.98 2.44 -6.10
N GLU A 84 7.69 3.26 -6.87
CA GLU A 84 9.06 3.63 -6.51
C GLU A 84 9.27 5.13 -6.65
N ILE A 85 9.95 5.71 -5.67
CA ILE A 85 10.18 7.14 -5.64
C ILE A 85 11.49 7.47 -4.93
N ALA A 86 12.01 8.66 -5.19
CA ALA A 86 13.25 9.12 -4.57
C ALA A 86 13.08 10.53 -4.01
N HIS A 87 13.74 10.77 -2.87
CA HIS A 87 13.68 12.06 -2.20
C HIS A 87 15.07 12.54 -1.81
N ILE A 88 15.27 13.85 -1.83
CA ILE A 88 16.42 14.46 -1.18
C ILE A 88 15.93 14.86 0.21
N LEU A 89 16.44 14.19 1.23
CA LEU A 89 16.00 14.41 2.60
C LEU A 89 17.11 14.99 3.46
N VAL A 90 16.71 15.76 4.47
CA VAL A 90 17.62 16.23 5.50
C VAL A 90 17.14 15.68 6.84
N ALA A 91 17.91 14.75 7.41
CA ALA A 91 17.53 14.12 8.67
C ALA A 91 18.27 14.77 9.83
N HIS A 92 17.51 15.20 10.84
CA HIS A 92 18.08 15.79 12.05
C HIS A 92 17.75 14.92 13.26
N ALA A 93 18.67 14.86 14.23
CA ALA A 93 18.44 14.08 15.44
C ALA A 93 19.12 14.73 16.64
N GLU A 94 18.58 14.46 17.83
CA GLU A 94 19.15 14.93 19.09
C GLU A 94 19.37 13.76 20.05
N PHE A 95 20.57 13.64 20.60
CA PHE A 95 20.88 12.51 21.48
C PHE A 95 21.93 12.86 22.53
N ASP A 96 22.32 11.86 23.31
CA ASP A 96 23.32 11.99 24.36
C ASP A 96 23.20 13.27 25.21
N GLY A 97 21.97 13.77 25.38
CA GLY A 97 21.75 14.92 26.24
C GLY A 97 21.41 16.18 25.48
N GLY A 98 21.70 16.20 24.18
CA GLY A 98 21.49 17.39 23.37
C GLY A 98 22.46 17.52 22.20
N PHE A 99 23.35 16.54 22.04
CA PHE A 99 24.22 16.54 20.86
C PHE A 99 23.32 16.36 19.65
N THR A 100 23.70 16.97 18.52
CA THR A 100 22.87 16.90 17.33
C THR A 100 23.64 16.29 16.16
N SER A 101 22.89 15.68 15.25
CA SER A 101 23.44 15.15 14.02
C SER A 101 22.53 15.55 12.87
N GLU A 102 23.12 15.86 11.73
CA GLU A 102 22.34 16.22 10.55
C GLU A 102 23.04 15.69 9.30
N VAL A 103 22.27 15.10 8.39
CA VAL A 103 22.82 14.62 7.13
C VAL A 103 21.82 14.80 6.01
N ARG A 104 22.35 15.08 4.82
CA ARG A 104 21.54 15.29 3.63
C ARG A 104 21.93 14.27 2.57
N GLY A 105 20.97 13.46 2.14
CA GLY A 105 21.23 12.41 1.18
C GLY A 105 20.05 12.03 0.31
N VAL A 106 20.29 11.09 -0.60
CA VAL A 106 19.24 10.55 -1.46
C VAL A 106 18.61 9.35 -0.78
N PHE A 107 17.28 9.35 -0.72
CA PHE A 107 16.54 8.24 -0.13
C PHE A 107 15.51 7.70 -1.11
N THR A 108 15.63 6.41 -1.41
CA THR A 108 14.73 5.74 -2.34
C THR A 108 13.72 4.92 -1.56
N TYR A 109 12.47 4.95 -2.02
CA TYR A 109 11.38 4.22 -1.39
C TYR A 109 10.81 3.20 -2.37
N ARG A 110 10.23 2.13 -1.84
CA ARG A 110 9.56 1.14 -2.68
C ARG A 110 8.41 0.51 -1.92
N VAL A 111 7.26 0.40 -2.57
CA VAL A 111 6.09 -0.25 -1.96
C VAL A 111 5.65 -1.44 -2.80
N ASN A 112 4.94 -2.37 -2.18
CA ASN A 112 4.40 -3.52 -2.89
C ASN A 112 3.03 -3.17 -3.46
N LYS A 113 2.34 -4.15 -4.03
CA LYS A 113 1.04 -3.92 -4.65
C LYS A 113 0.03 -3.36 -3.67
N ALA A 114 0.12 -3.79 -2.41
CA ALA A 114 -0.78 -3.32 -1.37
C ALA A 114 -0.44 -1.91 -0.91
N GLY A 115 0.73 -1.41 -1.33
CA GLY A 115 1.13 -0.06 -1.01
C GLY A 115 1.95 0.04 0.28
N LEU A 116 2.38 -1.11 0.80
CA LEU A 116 3.18 -1.13 2.03
C LEU A 116 4.66 -1.04 1.69
N ILE A 117 5.41 -0.30 2.51
CA ILE A 117 6.84 -0.10 2.25
C ILE A 117 7.60 -1.42 2.40
N THR A 118 8.38 -1.75 1.38
CA THR A 118 9.22 -2.94 1.40
C THR A 118 10.71 -2.58 1.42
N ASN A 119 11.03 -1.39 0.91
CA ASN A 119 12.41 -0.94 0.84
C ASN A 119 12.56 0.55 1.10
N LEU A 120 13.52 0.87 1.96
CA LEU A 120 13.94 2.25 2.20
C LEU A 120 15.46 2.28 2.26
N ARG A 121 16.09 2.93 1.30
CA ARG A 121 17.54 2.93 1.17
C ARG A 121 18.09 4.35 1.14
N GLY A 122 19.17 4.58 1.88
CA GLY A 122 19.77 5.91 1.98
C GLY A 122 21.18 5.98 1.43
N TYR A 123 21.43 6.98 0.60
CA TYR A 123 22.75 7.20 0.02
C TYR A 123 23.45 8.34 0.75
N TYR A 124 24.21 7.99 1.78
CA TYR A 124 24.99 8.96 2.54
C TYR A 124 26.04 8.23 3.37
N ASN A 125 27.04 8.97 3.84
CA ASN A 125 28.06 8.39 4.72
C ASN A 125 28.43 9.35 5.85
N LEU A 126 29.39 8.95 6.67
CA LEU A 126 29.82 9.72 7.82
C LEU A 126 30.30 11.11 7.41
N ASP A 127 31.11 11.17 6.36
CA ASP A 127 31.71 12.42 5.91
C ASP A 127 30.66 13.47 5.54
N MET A 128 29.42 13.03 5.37
CA MET A 128 28.31 13.91 5.02
C MET A 128 27.55 14.40 6.26
N MET A 129 27.73 13.72 7.40
CA MET A 129 27.06 14.13 8.63
C MET A 129 27.75 15.31 9.30
N THR A 130 26.95 16.17 9.92
CA THR A 130 27.44 17.32 10.66
C THR A 130 26.92 17.26 12.10
N PHE A 131 27.82 17.48 13.06
CA PHE A 131 27.48 17.36 14.48
C PHE A 131 27.49 18.69 15.23
N GLY A 132 26.68 18.78 16.28
CA GLY A 132 26.48 20.00 17.05
C GLY A 132 26.68 19.90 18.56
N ASN A 133 27.00 21.04 19.20
CA ASN A 133 27.29 21.12 20.64
C ASN A 133 26.28 21.87 21.50
N GLN A 134 25.13 22.21 20.95
CA GLN A 134 24.08 22.87 21.73
C GLN A 134 22.77 22.12 21.60
N GLN B 2 -8.32 -7.91 28.23
CA GLN B 2 -8.27 -7.38 26.87
C GLN B 2 -7.63 -8.42 25.96
N SER B 3 -8.27 -8.67 24.82
CA SER B 3 -7.82 -9.71 23.89
C SER B 3 -7.83 -9.18 22.47
N PRO B 4 -7.08 -9.83 21.56
CA PRO B 4 -7.08 -9.36 20.17
C PRO B 4 -8.50 -9.33 19.60
N ALA B 5 -9.34 -10.24 20.06
CA ALA B 5 -10.74 -10.32 19.64
C ALA B 5 -11.52 -9.10 20.15
N LEU B 6 -11.36 -8.81 21.44
CA LEU B 6 -12.05 -7.68 22.04
C LEU B 6 -11.60 -6.38 21.38
N ILE B 7 -10.30 -6.27 21.15
CA ILE B 7 -9.73 -5.11 20.46
C ILE B 7 -10.38 -4.96 19.10
N ALA B 8 -10.50 -6.06 18.38
CA ALA B 8 -11.06 -6.06 17.03
C ALA B 8 -12.52 -5.59 17.01
N SER B 9 -13.33 -6.15 17.90
CA SER B 9 -14.75 -5.81 17.93
C SER B 9 -14.95 -4.34 18.29
N GLN B 10 -14.18 -3.85 19.25
CA GLN B 10 -14.28 -2.44 19.65
C GLN B 10 -13.82 -1.52 18.53
N SER B 11 -12.78 -1.93 17.82
CA SER B 11 -12.27 -1.14 16.70
C SER B 11 -13.26 -1.15 15.55
N LEU B 12 -13.89 -2.31 15.34
CA LEU B 12 -14.84 -2.47 14.25
C LEU B 12 -16.02 -1.54 14.45
N GLY B 13 -16.48 -1.42 15.70
CA GLY B 13 -17.61 -0.58 16.02
C GLY B 13 -17.29 0.89 15.83
N ARG B 14 -16.07 1.28 16.19
CA ARG B 14 -15.64 2.66 16.07
C ARG B 14 -15.57 3.07 14.60
N CYS B 15 -15.18 2.13 13.77
CA CYS B 15 -15.08 2.38 12.35
C CYS B 15 -16.42 2.51 11.67
N THR B 16 -17.42 1.87 12.21
CA THR B 16 -18.73 1.92 11.64
C THR B 16 -19.32 3.24 12.02
N GLN B 17 -19.03 3.65 13.22
CA GLN B 17 -19.53 4.89 13.75
C GLN B 17 -19.03 6.10 13.02
N ALA B 18 -17.90 5.95 12.38
CA ALA B 18 -17.23 7.03 11.66
C ALA B 18 -17.36 6.82 10.16
N LYS B 19 -18.10 5.79 9.78
CA LYS B 19 -18.35 5.46 8.39
C LYS B 19 -17.04 5.44 7.60
N ASP B 20 -16.02 4.84 8.23
CA ASP B 20 -14.70 4.69 7.64
C ASP B 20 -14.58 3.34 6.95
N ARG B 21 -15.00 3.31 5.68
CA ARG B 21 -15.04 2.08 4.90
C ARG B 21 -13.68 1.40 4.85
N GLU B 22 -12.64 2.19 4.59
CA GLU B 22 -11.28 1.65 4.41
C GLU B 22 -10.73 1.05 5.70
N GLY B 23 -10.95 1.71 6.81
CA GLY B 23 -10.48 1.21 8.07
C GLY B 23 -11.22 -0.02 8.53
N TRP B 24 -12.45 -0.13 8.11
CA TRP B 24 -13.31 -1.25 8.47
C TRP B 24 -12.83 -2.51 7.85
N LEU B 25 -12.49 -2.46 6.57
CA LEU B 25 -12.04 -3.64 5.89
C LEU B 25 -10.67 -4.01 6.29
N ALA B 26 -9.93 -3.06 6.81
CA ALA B 26 -8.55 -3.36 7.21
C ALA B 26 -8.49 -4.23 8.46
N LEU B 27 -9.59 -4.30 9.20
CA LEU B 27 -9.65 -5.09 10.42
C LEU B 27 -9.94 -6.56 10.14
N MET B 28 -10.17 -6.88 8.87
CA MET B 28 -10.61 -8.22 8.48
C MET B 28 -9.56 -8.97 7.67
N ALA B 29 -9.62 -10.29 7.74
CA ALA B 29 -8.77 -11.15 6.92
C ALA B 29 -9.37 -11.28 5.53
N ASP B 30 -8.55 -11.69 4.56
CA ASP B 30 -9.00 -11.81 3.18
C ASP B 30 -10.05 -12.90 3.03
N ASP B 31 -10.07 -13.83 3.98
CA ASP B 31 -11.03 -14.94 3.96
C ASP B 31 -12.11 -14.73 5.00
N VAL B 32 -12.40 -13.47 5.30
CA VAL B 32 -13.41 -13.12 6.28
C VAL B 32 -14.79 -13.61 5.81
N VAL B 33 -15.58 -14.11 6.75
CA VAL B 33 -16.95 -14.51 6.46
C VAL B 33 -17.89 -13.83 7.46
N ILE B 34 -18.74 -12.96 6.95
CA ILE B 34 -19.70 -12.25 7.78
C ILE B 34 -21.10 -12.82 7.59
N GLU B 35 -21.69 -13.29 8.70
CA GLU B 35 -23.03 -13.88 8.69
C GLU B 35 -23.94 -13.13 9.66
N THR B 36 -24.49 -12.00 9.21
CA THR B 36 -25.38 -11.19 10.02
C THR B 36 -26.73 -10.98 9.34
N PRO B 37 -27.73 -11.82 9.66
CA PRO B 37 -27.70 -12.92 10.65
C PRO B 37 -27.22 -14.23 10.05
N ILE B 38 -27.19 -15.26 10.87
CA ILE B 38 -26.92 -16.61 10.39
C ILE B 38 -28.20 -17.11 9.72
N GLY B 39 -28.08 -17.56 8.47
CA GLY B 39 -29.21 -18.03 7.69
C GLY B 39 -29.60 -17.05 6.60
N LYS B 40 -30.57 -17.44 5.77
CA LYS B 40 -30.96 -16.65 4.61
C LYS B 40 -31.66 -15.35 5.02
N SER B 41 -31.21 -14.24 4.43
CA SER B 41 -31.77 -12.92 4.72
C SER B 41 -31.28 -11.93 3.67
N VAL B 42 -31.80 -10.72 3.68
CA VAL B 42 -31.38 -9.71 2.71
C VAL B 42 -29.92 -9.36 2.97
N THR B 43 -29.50 -9.44 4.23
CA THR B 43 -28.12 -9.13 4.59
C THR B 43 -27.26 -10.38 4.57
N ASN B 44 -27.87 -11.51 4.25
CA ASN B 44 -27.15 -12.76 4.05
C ASN B 44 -27.90 -13.61 3.00
N PRO B 45 -27.84 -13.16 1.73
CA PRO B 45 -28.67 -13.67 0.62
C PRO B 45 -28.67 -15.19 0.43
N ASP B 46 -27.48 -15.79 0.35
CA ASP B 46 -27.39 -17.22 0.10
C ASP B 46 -27.44 -18.04 1.39
N GLY B 47 -27.42 -17.35 2.53
CA GLY B 47 -27.52 -18.00 3.82
C GLY B 47 -26.26 -18.69 4.27
N SER B 48 -25.16 -18.45 3.54
CA SER B 48 -23.86 -19.03 3.90
C SER B 48 -22.84 -17.94 4.25
N GLY B 49 -23.29 -16.69 4.26
CA GLY B 49 -22.45 -15.58 4.66
C GLY B 49 -21.83 -14.79 3.52
N ILE B 50 -21.36 -13.60 3.83
CA ILE B 50 -20.69 -12.74 2.85
C ILE B 50 -19.20 -13.05 2.87
N LYS B 51 -18.70 -13.57 1.75
CA LYS B 51 -17.36 -14.13 1.68
C LYS B 51 -16.40 -13.27 0.87
N GLY B 52 -15.28 -12.89 1.49
CA GLY B 52 -14.22 -12.15 0.82
C GLY B 52 -14.30 -10.67 1.13
N LYS B 53 -13.16 -9.98 1.09
CA LYS B 53 -13.11 -8.57 1.42
C LYS B 53 -13.88 -7.72 0.40
N GLU B 54 -13.92 -8.19 -0.84
CA GLU B 54 -14.61 -7.47 -1.90
C GLU B 54 -16.12 -7.52 -1.69
N ALA B 55 -16.64 -8.71 -1.41
CA ALA B 55 -18.07 -8.89 -1.17
C ALA B 55 -18.50 -8.16 0.10
N VAL B 56 -17.63 -8.17 1.11
CA VAL B 56 -17.91 -7.48 2.36
C VAL B 56 -17.84 -5.97 2.17
N GLY B 57 -17.09 -5.54 1.17
CA GLY B 57 -17.05 -4.13 0.81
C GLY B 57 -18.37 -3.69 0.21
N ALA B 58 -18.94 -4.57 -0.63
CA ALA B 58 -20.25 -4.34 -1.22
C ALA B 58 -21.32 -4.32 -0.14
N PHE B 59 -21.18 -5.22 0.83
CA PHE B 59 -22.09 -5.31 1.96
C PHE B 59 -22.16 -3.98 2.71
N TRP B 60 -20.99 -3.36 2.90
CA TRP B 60 -20.90 -2.06 3.56
C TRP B 60 -21.67 -0.99 2.81
N ASP B 61 -21.43 -0.90 1.50
CA ASP B 61 -22.07 0.11 0.66
C ASP B 61 -23.58 -0.03 0.66
N THR B 62 -24.04 -1.27 0.53
CA THR B 62 -25.47 -1.54 0.40
C THR B 62 -26.24 -1.35 1.71
N HIS B 63 -25.61 -1.66 2.85
CA HIS B 63 -26.34 -1.78 4.11
C HIS B 63 -25.83 -0.91 5.25
N ILE B 64 -24.64 -0.34 5.11
CA ILE B 64 -24.02 0.41 6.22
C ILE B 64 -23.73 1.88 5.89
N ALA B 65 -23.08 2.13 4.76
CA ALA B 65 -22.56 3.45 4.42
C ALA B 65 -23.55 4.60 4.62
N ASP B 66 -24.70 4.54 3.95
CA ASP B 66 -25.67 5.62 3.98
C ASP B 66 -26.90 5.31 4.83
N ASP B 67 -26.74 4.43 5.82
CA ASP B 67 -27.86 4.00 6.66
C ASP B 67 -27.65 4.37 8.13
N ARG B 68 -26.62 5.18 8.39
CA ARG B 68 -26.34 5.68 9.73
C ARG B 68 -26.29 4.56 10.77
N VAL B 69 -25.62 3.46 10.42
CA VAL B 69 -25.57 2.31 11.30
C VAL B 69 -24.70 2.59 12.52
N THR B 70 -25.25 2.30 13.70
CA THR B 70 -24.51 2.41 14.95
C THR B 70 -24.76 1.16 15.80
N VAL B 71 -23.67 0.58 16.28
CA VAL B 71 -23.74 -0.61 17.11
C VAL B 71 -23.38 -0.25 18.55
N THR B 72 -24.17 -0.74 19.49
CA THR B 72 -23.98 -0.47 20.91
C THR B 72 -23.80 -1.78 21.68
N CYS B 73 -22.74 -1.85 22.48
CA CYS B 73 -22.48 -3.05 23.28
C CYS B 73 -23.28 -2.99 24.57
N GLU B 74 -24.03 -4.05 24.84
CA GLU B 74 -24.85 -4.14 26.05
C GLU B 74 -24.15 -5.01 27.09
N GLU B 75 -23.51 -6.08 26.62
CA GLU B 75 -22.81 -6.99 27.51
C GLU B 75 -21.79 -7.81 26.75
N THR B 76 -20.62 -8.03 27.36
CA THR B 76 -19.54 -8.78 26.74
C THR B 76 -19.39 -10.13 27.44
N PHE B 77 -19.24 -11.17 26.64
CA PHE B 77 -19.01 -12.52 27.13
C PHE B 77 -17.71 -13.07 26.58
N PRO B 78 -16.61 -12.86 27.31
CA PRO B 78 -15.32 -13.43 26.88
C PRO B 78 -15.32 -14.95 26.94
N SER B 79 -14.45 -15.57 26.16
CA SER B 79 -14.24 -17.01 26.26
C SER B 79 -12.92 -17.26 26.95
N SER B 80 -12.45 -18.50 26.91
CA SER B 80 -11.14 -18.84 27.45
C SER B 80 -10.11 -18.82 26.32
N SER B 81 -10.50 -18.28 25.18
CA SER B 81 -9.60 -18.07 24.05
C SER B 81 -9.52 -16.58 23.73
N PRO B 82 -8.30 -16.06 23.53
CA PRO B 82 -8.20 -14.63 23.21
C PRO B 82 -8.64 -14.31 21.80
N ASP B 83 -8.97 -15.34 21.01
CA ASP B 83 -9.30 -15.15 19.60
C ASP B 83 -10.80 -15.23 19.34
N GLU B 84 -11.59 -15.54 20.36
CA GLU B 84 -13.05 -15.62 20.21
C GLU B 84 -13.74 -14.90 21.36
N ILE B 85 -14.78 -14.14 21.02
CA ILE B 85 -15.52 -13.36 22.00
C ILE B 85 -16.97 -13.23 21.55
N ALA B 86 -17.86 -12.94 22.50
CA ALA B 86 -19.28 -12.77 22.21
C ALA B 86 -19.80 -11.48 22.84
N HIS B 87 -20.73 -10.83 22.15
CA HIS B 87 -21.33 -9.59 22.61
C HIS B 87 -22.85 -9.65 22.50
N ILE B 88 -23.53 -8.90 23.33
CA ILE B 88 -24.93 -8.71 23.19
C ILE B 88 -24.92 -7.30 22.64
N LEU B 89 -25.31 -7.14 21.39
CA LEU B 89 -25.30 -5.83 20.76
C LEU B 89 -26.65 -5.33 20.33
N VAL B 90 -26.76 -4.02 20.23
CA VAL B 90 -27.98 -3.40 19.79
C VAL B 90 -27.59 -2.58 18.58
N ALA B 91 -28.07 -2.98 17.43
CA ALA B 91 -27.75 -2.31 16.18
C ALA B 91 -28.88 -1.39 15.78
N HIS B 92 -28.55 -0.13 15.51
CA HIS B 92 -29.53 0.86 15.06
C HIS B 92 -29.19 1.27 13.64
N ALA B 93 -30.22 1.54 12.85
CA ALA B 93 -30.03 1.98 11.47
C ALA B 93 -31.15 2.92 11.07
N GLU B 94 -30.89 3.72 10.04
CA GLU B 94 -31.88 4.61 9.47
C GLU B 94 -32.03 4.25 8.00
N PHE B 95 -33.27 4.01 7.58
CA PHE B 95 -33.53 3.51 6.25
C PHE B 95 -33.78 4.65 5.27
N ASP B 96 -34.16 4.28 4.06
CA ASP B 96 -34.44 5.27 3.02
C ASP B 96 -35.72 6.01 3.34
N GLY B 97 -35.56 7.29 3.70
CA GLY B 97 -36.67 8.19 3.94
C GLY B 97 -36.82 8.62 5.39
N GLY B 98 -36.36 7.78 6.31
CA GLY B 98 -36.39 8.11 7.73
C GLY B 98 -36.85 6.98 8.63
N PHE B 99 -37.21 5.85 8.01
CA PHE B 99 -37.60 4.67 8.78
C PHE B 99 -36.40 4.14 9.54
N THR B 100 -36.66 3.55 10.70
CA THR B 100 -35.59 3.06 11.57
C THR B 100 -35.74 1.57 11.79
N SER B 101 -34.62 0.91 12.05
CA SER B 101 -34.64 -0.50 12.42
C SER B 101 -33.71 -0.68 13.61
N GLU B 102 -34.13 -1.55 14.53
CA GLU B 102 -33.34 -1.85 15.70
C GLU B 102 -33.46 -3.32 16.04
N VAL B 103 -32.34 -3.95 16.37
CA VAL B 103 -32.35 -5.35 16.76
C VAL B 103 -31.32 -5.60 17.84
N ARG B 104 -31.67 -6.49 18.76
CA ARG B 104 -30.78 -6.87 19.85
C ARG B 104 -30.51 -8.36 19.75
N GLY B 105 -29.24 -8.72 19.60
CA GLY B 105 -28.87 -10.12 19.45
C GLY B 105 -27.47 -10.45 19.94
N VAL B 106 -27.13 -11.74 19.85
CA VAL B 106 -25.81 -12.23 20.20
C VAL B 106 -24.93 -12.22 18.95
N PHE B 107 -23.75 -11.62 19.08
CA PHE B 107 -22.80 -11.55 17.99
C PHE B 107 -21.47 -12.13 18.41
N THR B 108 -20.99 -13.13 17.70
CA THR B 108 -19.73 -13.76 18.00
C THR B 108 -18.67 -13.36 17.01
N TYR B 109 -17.46 -13.17 17.48
CA TYR B 109 -16.38 -12.78 16.64
C TYR B 109 -15.22 -13.74 16.73
N ARG B 110 -14.39 -13.74 15.72
CA ARG B 110 -13.23 -14.57 15.70
C ARG B 110 -12.12 -13.91 14.93
N VAL B 111 -10.92 -13.94 15.47
CA VAL B 111 -9.75 -13.40 14.80
C VAL B 111 -8.70 -14.49 14.62
N ASN B 112 -7.81 -14.29 13.65
CA ASN B 112 -6.72 -15.21 13.42
C ASN B 112 -5.51 -14.81 14.28
N LYS B 113 -4.39 -15.48 14.08
CA LYS B 113 -3.18 -15.19 14.86
C LYS B 113 -2.74 -13.74 14.67
N ALA B 114 -2.97 -13.21 13.47
CA ALA B 114 -2.60 -11.83 13.16
C ALA B 114 -3.58 -10.83 13.81
N GLY B 115 -4.69 -11.34 14.34
CA GLY B 115 -5.65 -10.50 15.03
C GLY B 115 -6.70 -9.92 14.10
N LEU B 116 -6.75 -10.41 12.86
CA LEU B 116 -7.71 -9.93 11.88
C LEU B 116 -9.00 -10.73 11.93
N ILE B 117 -10.13 -10.07 11.77
CA ILE B 117 -11.43 -10.71 11.84
C ILE B 117 -11.62 -11.68 10.68
N THR B 118 -11.99 -12.92 11.02
CA THR B 118 -12.27 -13.95 10.02
C THR B 118 -13.74 -14.32 10.07
N ASN B 119 -14.37 -14.09 11.22
CA ASN B 119 -15.77 -14.45 11.41
C ASN B 119 -16.52 -13.45 12.28
N LEU B 120 -17.69 -13.03 11.79
CA LEU B 120 -18.63 -12.22 12.55
C LEU B 120 -20.02 -12.78 12.28
N ARG B 121 -20.64 -13.36 13.31
CA ARG B 121 -21.90 -14.08 13.15
C ARG B 121 -22.96 -13.53 14.09
N GLY B 122 -24.17 -13.36 13.58
CA GLY B 122 -25.26 -12.77 14.36
C GLY B 122 -26.43 -13.72 14.57
N TYR B 123 -26.87 -13.82 15.82
CA TYR B 123 -28.01 -14.65 16.18
C TYR B 123 -29.25 -13.79 16.42
N TYR B 124 -30.01 -13.58 15.35
CA TYR B 124 -31.26 -12.83 15.42
C TYR B 124 -32.06 -13.11 14.15
N ASN B 125 -33.35 -12.80 14.19
CA ASN B 125 -34.22 -12.96 13.03
C ASN B 125 -35.16 -11.77 12.91
N LEU B 126 -36.04 -11.82 11.91
CA LEU B 126 -36.97 -10.72 11.63
C LEU B 126 -37.85 -10.40 12.84
N ASP B 127 -38.38 -11.43 13.48
CA ASP B 127 -39.31 -11.24 14.59
C ASP B 127 -38.67 -10.48 15.75
N MET B 128 -37.33 -10.40 15.74
CA MET B 128 -36.60 -9.67 16.78
C MET B 128 -36.31 -8.23 16.38
N MET B 129 -36.42 -7.93 15.08
CA MET B 129 -36.18 -6.58 14.60
C MET B 129 -37.39 -5.71 14.89
N THR B 130 -37.14 -4.45 15.22
CA THR B 130 -38.19 -3.48 15.47
C THR B 130 -38.04 -2.31 14.51
N PHE B 131 -39.13 -1.94 13.85
CA PHE B 131 -39.12 -0.86 12.88
C PHE B 131 -39.94 0.31 13.42
N GLY B 132 -39.56 1.53 13.05
CA GLY B 132 -40.20 2.73 13.60
C GLY B 132 -40.72 3.70 12.57
N ASN B 133 -41.73 4.47 12.97
CA ASN B 133 -42.40 5.44 12.09
C ASN B 133 -42.16 6.90 12.47
N GLN B 134 -41.29 7.14 13.44
CA GLN B 134 -40.98 8.51 13.89
C GLN B 134 -39.49 8.79 13.75
N THR C 1 0.36 -6.66 22.80
CA THR C 1 -1.01 -6.07 22.97
C THR C 1 -0.94 -4.72 23.65
N GLN C 2 -1.63 -3.75 23.07
CA GLN C 2 -1.72 -2.39 23.59
C GLN C 2 -2.97 -2.22 24.45
N SER C 3 -2.87 -1.44 25.53
CA SER C 3 -4.00 -1.27 26.43
C SER C 3 -4.99 -0.29 25.81
N PRO C 4 -6.25 -0.36 26.24
CA PRO C 4 -7.28 0.52 25.65
C PRO C 4 -6.98 2.01 25.83
N ALA C 5 -6.31 2.37 26.91
CA ALA C 5 -5.95 3.77 27.14
C ALA C 5 -4.92 4.23 26.12
N LEU C 6 -3.88 3.42 25.93
CA LEU C 6 -2.84 3.75 24.96
C LEU C 6 -3.39 3.77 23.54
N ILE C 7 -4.20 2.77 23.20
CA ILE C 7 -4.82 2.71 21.89
C ILE C 7 -5.65 3.96 21.63
N ALA C 8 -6.44 4.36 22.62
CA ALA C 8 -7.30 5.53 22.50
C ALA C 8 -6.48 6.81 22.32
N SER C 9 -5.47 6.99 23.16
CA SER C 9 -4.65 8.19 23.13
C SER C 9 -3.88 8.32 21.82
N GLN C 10 -3.31 7.22 21.34
CA GLN C 10 -2.57 7.24 20.09
C GLN C 10 -3.49 7.48 18.90
N SER C 11 -4.68 6.90 18.94
CA SER C 11 -5.64 7.09 17.86
C SER C 11 -6.16 8.52 17.80
N LEU C 12 -6.34 9.13 18.97
CA LEU C 12 -6.84 10.50 19.03
C LEU C 12 -5.85 11.46 18.38
N GLY C 13 -4.56 11.25 18.62
CA GLY C 13 -3.53 12.08 18.02
C GLY C 13 -3.41 11.86 16.53
N ARG C 14 -3.53 10.61 16.11
CA ARG C 14 -3.41 10.25 14.70
C ARG C 14 -4.54 10.84 13.87
N CYS C 15 -5.74 10.86 14.44
CA CYS C 15 -6.91 11.41 13.76
C CYS C 15 -6.83 12.93 13.67
N THR C 16 -6.14 13.53 14.64
CA THR C 16 -5.97 14.98 14.67
C THR C 16 -5.02 15.46 13.59
N GLN C 17 -3.92 14.73 13.41
CA GLN C 17 -2.90 15.07 12.43
C GLN C 17 -3.40 14.84 11.01
N ALA C 18 -4.62 14.28 10.88
CA ALA C 18 -5.22 14.00 9.58
C ALA C 18 -6.57 14.71 9.42
N LYS C 19 -6.91 15.55 10.39
CA LYS C 19 -8.16 16.31 10.36
C LYS C 19 -9.39 15.45 10.10
N ASP C 20 -9.44 14.28 10.74
CA ASP C 20 -10.57 13.36 10.62
C ASP C 20 -11.57 13.59 11.76
N ARG C 21 -12.49 14.53 11.56
CA ARG C 21 -13.45 14.93 12.59
C ARG C 21 -14.28 13.76 13.15
N GLU C 22 -14.88 12.98 12.27
CA GLU C 22 -15.78 11.89 12.69
C GLU C 22 -15.05 10.74 13.36
N GLY C 23 -13.90 10.36 12.81
CA GLY C 23 -13.10 9.30 13.41
C GLY C 23 -12.58 9.76 14.76
N TRP C 24 -12.27 11.05 14.86
CA TRP C 24 -11.84 11.67 16.09
C TRP C 24 -12.94 11.54 17.14
N LEU C 25 -14.16 11.86 16.73
CA LEU C 25 -15.31 11.82 17.63
C LEU C 25 -15.73 10.40 17.98
N ALA C 26 -15.46 9.45 17.08
CA ALA C 26 -15.85 8.06 17.30
C ALA C 26 -15.02 7.45 18.43
N LEU C 27 -13.93 8.11 18.78
CA LEU C 27 -13.06 7.69 19.87
C LEU C 27 -13.58 8.17 21.21
N MET C 28 -14.70 8.90 21.20
CA MET C 28 -15.18 9.58 22.39
C MET C 28 -16.41 8.94 23.00
N ALA C 29 -16.54 9.07 24.32
CA ALA C 29 -17.74 8.65 25.02
C ALA C 29 -18.77 9.76 24.92
N ASP C 30 -20.04 9.42 25.12
CA ASP C 30 -21.10 10.42 25.02
C ASP C 30 -21.00 11.44 26.15
N ASP C 31 -20.36 11.05 27.24
CA ASP C 31 -20.18 11.92 28.41
C ASP C 31 -18.73 12.39 28.52
N VAL C 32 -18.05 12.50 27.38
CA VAL C 32 -16.65 12.91 27.37
C VAL C 32 -16.48 14.33 27.91
N VAL C 33 -15.40 14.52 28.68
CA VAL C 33 -15.05 15.83 29.22
C VAL C 33 -13.60 16.16 28.88
N ILE C 34 -13.40 17.20 28.08
CA ILE C 34 -12.06 17.64 27.69
C ILE C 34 -11.68 18.91 28.45
N GLU C 35 -10.57 18.83 29.17
CA GLU C 35 -10.06 19.96 29.94
C GLU C 35 -8.63 20.27 29.51
N THR C 36 -8.50 21.00 28.41
CA THR C 36 -7.18 21.36 27.88
C THR C 36 -7.02 22.87 27.76
N PRO C 37 -6.45 23.51 28.78
CA PRO C 37 -5.92 22.94 30.03
C PRO C 37 -6.97 22.82 31.13
N ILE C 38 -6.53 22.37 32.30
CA ILE C 38 -7.36 22.37 33.49
C ILE C 38 -7.45 23.80 34.01
N GLY C 39 -8.67 24.30 34.17
CA GLY C 39 -8.88 25.66 34.61
C GLY C 39 -9.35 26.54 33.47
N LYS C 40 -9.67 27.79 33.78
CA LYS C 40 -10.24 28.71 32.80
C LYS C 40 -9.23 29.05 31.70
N SER C 41 -9.67 28.99 30.44
CA SER C 41 -8.80 29.29 29.30
C SER C 41 -9.61 29.53 28.04
N VAL C 42 -8.95 30.00 26.98
CA VAL C 42 -9.65 30.25 25.73
C VAL C 42 -10.15 28.92 25.18
N THR C 43 -9.40 27.86 25.50
CA THR C 43 -9.76 26.51 25.08
C THR C 43 -10.54 25.79 26.17
N ASN C 44 -10.79 26.47 27.28
CA ASN C 44 -11.63 25.96 28.36
C ASN C 44 -12.35 27.12 29.05
N PRO C 45 -13.33 27.73 28.36
CA PRO C 45 -13.99 28.99 28.72
C PRO C 45 -14.48 29.07 30.17
N ASP C 46 -15.27 28.10 30.61
CA ASP C 46 -15.85 28.12 31.95
C ASP C 46 -14.90 27.50 32.98
N GLY C 47 -13.84 26.88 32.54
CA GLY C 47 -12.92 26.29 33.47
C GLY C 47 -13.28 24.93 33.98
N SER C 48 -14.40 24.41 33.52
CA SER C 48 -14.86 23.11 33.97
C SER C 48 -14.76 22.09 32.87
N GLY C 49 -14.32 22.52 31.71
CA GLY C 49 -14.20 21.61 30.60
C GLY C 49 -15.30 21.67 29.60
N ILE C 50 -15.03 21.09 28.45
CA ILE C 50 -15.95 21.01 27.35
C ILE C 50 -16.62 19.66 27.49
N LYS C 51 -17.92 19.65 27.72
CA LYS C 51 -18.65 18.40 27.97
C LYS C 51 -19.66 17.94 26.96
N GLY C 52 -19.48 16.73 26.45
CA GLY C 52 -20.39 16.16 25.50
C GLY C 52 -19.81 16.03 24.13
N LYS C 53 -20.30 15.10 23.34
CA LYS C 53 -19.76 14.93 22.00
C LYS C 53 -20.06 16.14 21.12
N GLU C 54 -21.17 16.81 21.40
CA GLU C 54 -21.58 17.96 20.60
C GLU C 54 -20.66 19.14 20.85
N ALA C 55 -20.40 19.43 22.12
CA ALA C 55 -19.53 20.54 22.50
C ALA C 55 -18.09 20.27 22.04
N VAL C 56 -17.67 19.01 22.13
CA VAL C 56 -16.33 18.62 21.69
C VAL C 56 -16.25 18.67 20.17
N GLY C 57 -17.40 18.52 19.51
CA GLY C 57 -17.47 18.66 18.07
C GLY C 57 -17.25 20.10 17.64
N ALA C 58 -17.77 21.03 18.41
CA ALA C 58 -17.57 22.44 18.12
C ALA C 58 -16.10 22.69 18.22
N PHE C 59 -15.61 22.42 19.41
CA PHE C 59 -14.22 22.57 19.76
C PHE C 59 -13.29 22.21 18.64
N TRP C 60 -13.60 21.15 17.92
CA TRP C 60 -12.75 20.73 16.84
C TRP C 60 -12.81 21.74 15.73
N ASP C 61 -14.01 22.19 15.43
CA ASP C 61 -14.19 23.18 14.37
C ASP C 61 -13.50 24.49 14.73
N THR C 62 -13.68 24.93 15.97
CA THR C 62 -13.17 26.22 16.42
C THR C 62 -11.65 26.27 16.59
N HIS C 63 -11.05 25.16 17.03
CA HIS C 63 -9.66 25.17 17.46
C HIS C 63 -8.72 24.17 16.77
N ILE C 64 -9.28 23.19 16.05
CA ILE C 64 -8.45 22.13 15.46
C ILE C 64 -8.53 22.07 13.94
N ALA C 65 -9.75 22.07 13.41
CA ALA C 65 -9.99 21.86 11.98
C ALA C 65 -9.08 22.72 11.09
N ASP C 66 -9.17 24.03 11.26
CA ASP C 66 -8.46 24.98 10.40
C ASP C 66 -7.25 25.59 11.09
N ASP C 67 -6.68 24.87 12.05
CA ASP C 67 -5.54 25.36 12.83
C ASP C 67 -4.29 24.49 12.66
N ARG C 68 -4.37 23.51 11.76
CA ARG C 68 -3.22 22.65 11.44
C ARG C 68 -2.55 22.06 12.67
N VAL C 69 -3.36 21.59 13.62
CA VAL C 69 -2.84 21.06 14.88
C VAL C 69 -2.15 19.70 14.71
N THR C 70 -0.95 19.58 15.26
CA THR C 70 -0.23 18.32 15.29
C THR C 70 0.34 18.10 16.69
N VAL C 71 0.11 16.91 17.22
CA VAL C 71 0.58 16.54 18.54
C VAL C 71 1.69 15.51 18.45
N THR C 72 2.75 15.72 19.25
CA THR C 72 3.90 14.81 19.27
C THR C 72 4.10 14.25 20.67
N CYS C 73 4.21 12.93 20.76
CA CYS C 73 4.45 12.28 22.04
C CYS C 73 5.93 12.29 22.35
N GLU C 74 6.27 12.79 23.53
CA GLU C 74 7.66 12.86 23.96
C GLU C 74 7.97 11.73 24.93
N GLU C 75 6.99 11.42 25.79
CA GLU C 75 7.17 10.37 26.78
C GLU C 75 5.83 9.86 27.29
N THR C 76 5.73 8.55 27.47
CA THR C 76 4.51 7.90 27.93
C THR C 76 4.66 7.34 29.34
N PHE C 77 3.67 7.57 30.18
CA PHE C 77 3.65 7.06 31.54
C PHE C 77 2.41 6.20 31.78
N PRO C 78 2.53 4.88 31.56
CA PRO C 78 1.42 3.98 31.86
C PRO C 78 1.16 3.91 33.36
N SER C 79 -0.05 3.56 33.76
CA SER C 79 -0.36 3.29 35.16
C SER C 79 -0.52 1.79 35.35
N SER C 80 -1.03 1.38 36.51
CA SER C 80 -1.31 -0.03 36.76
C SER C 80 -2.76 -0.33 36.41
N SER C 81 -3.39 0.61 35.73
CA SER C 81 -4.74 0.43 35.21
C SER C 81 -4.70 0.54 33.68
N PRO C 82 -5.33 -0.40 32.96
CA PRO C 82 -5.28 -0.32 31.50
C PRO C 82 -6.18 0.76 30.92
N ASP C 83 -6.95 1.42 31.79
CA ASP C 83 -7.92 2.43 31.35
C ASP C 83 -7.44 3.86 31.58
N GLU C 84 -6.28 4.01 32.22
CA GLU C 84 -5.73 5.33 32.49
C GLU C 84 -4.24 5.42 32.14
N ILE C 85 -3.86 6.53 31.52
CA ILE C 85 -2.50 6.74 31.06
C ILE C 85 -2.15 8.24 31.06
N ALA C 86 -0.86 8.54 31.07
CA ALA C 86 -0.38 9.92 31.04
C ALA C 86 0.69 10.07 29.97
N HIS C 87 0.73 11.24 29.34
CA HIS C 87 1.69 11.52 28.27
C HIS C 87 2.37 12.88 28.47
N ILE C 88 3.63 12.96 28.07
CA ILE C 88 4.27 14.24 27.86
C ILE C 88 4.11 14.56 26.38
N LEU C 89 3.28 15.55 26.08
CA LEU C 89 2.98 15.92 24.69
C LEU C 89 3.49 17.29 24.33
N VAL C 90 3.80 17.46 23.06
CA VAL C 90 4.11 18.75 22.50
C VAL C 90 3.07 19.04 21.43
N ALA C 91 2.23 20.04 21.70
CA ALA C 91 1.16 20.41 20.79
C ALA C 91 1.61 21.57 19.93
N HIS C 92 1.47 21.41 18.62
CA HIS C 92 1.82 22.45 17.67
C HIS C 92 0.54 22.92 17.00
N ALA C 93 0.46 24.21 16.71
CA ALA C 93 -0.72 24.76 16.06
C ALA C 93 -0.32 25.95 15.20
N GLU C 94 -1.17 26.27 14.24
CA GLU C 94 -0.98 27.42 13.38
C GLU C 94 -2.19 28.34 13.49
N PHE C 95 -1.91 29.62 13.71
CA PHE C 95 -2.97 30.59 13.98
C PHE C 95 -3.22 31.43 12.74
N ASP C 96 -4.04 32.46 12.89
CA ASP C 96 -4.45 33.31 11.78
C ASP C 96 -3.31 33.86 10.92
N GLY C 97 -3.06 33.19 9.79
CA GLY C 97 -2.13 33.69 8.79
C GLY C 97 -0.83 32.93 8.66
N GLY C 98 -0.44 32.22 9.72
CA GLY C 98 0.81 31.47 9.71
C GLY C 98 1.53 31.55 11.04
N PHE C 99 0.97 32.30 11.99
CA PHE C 99 1.55 32.34 13.32
C PHE C 99 1.45 30.97 13.96
N THR C 100 2.43 30.63 14.78
CA THR C 100 2.51 29.31 15.36
C THR C 100 2.51 29.37 16.88
N SER C 101 2.03 28.29 17.49
CA SER C 101 2.07 28.14 18.94
C SER C 101 2.56 26.75 19.30
N GLU C 102 3.32 26.66 20.37
CA GLU C 102 3.85 25.39 20.83
C GLU C 102 3.83 25.34 22.34
N VAL C 103 3.37 24.23 22.90
CA VAL C 103 3.34 24.04 24.34
C VAL C 103 3.63 22.60 24.68
N ARG C 104 4.32 22.39 25.80
CA ARG C 104 4.67 21.08 26.27
C ARG C 104 4.10 20.87 27.67
N GLY C 105 3.26 19.84 27.83
CA GLY C 105 2.64 19.58 29.11
C GLY C 105 2.30 18.12 29.36
N VAL C 106 1.78 17.85 30.55
CA VAL C 106 1.33 16.52 30.93
C VAL C 106 -0.13 16.37 30.56
N PHE C 107 -0.46 15.30 29.85
CA PHE C 107 -1.84 15.02 29.46
C PHE C 107 -2.27 13.65 29.93
N THR C 108 -3.33 13.62 30.73
CA THR C 108 -3.87 12.38 31.27
C THR C 108 -5.12 11.96 30.50
N TYR C 109 -5.24 10.66 30.25
CA TYR C 109 -6.37 10.10 29.52
C TYR C 109 -7.13 9.09 30.37
N ARG C 110 -8.41 8.91 30.07
CA ARG C 110 -9.21 7.88 30.71
C ARG C 110 -10.27 7.35 29.75
N VAL C 111 -10.39 6.03 29.70
CA VAL C 111 -11.39 5.37 28.85
C VAL C 111 -12.33 4.51 29.68
N ASN C 112 -13.52 4.27 29.15
CA ASN C 112 -14.49 3.39 29.79
C ASN C 112 -14.35 1.94 29.33
N LYS C 113 -15.26 1.09 29.79
CA LYS C 113 -15.25 -0.34 29.45
C LYS C 113 -15.34 -0.58 27.95
N ALA C 114 -16.06 0.30 27.26
CA ALA C 114 -16.22 0.19 25.81
C ALA C 114 -14.97 0.63 25.07
N GLY C 115 -14.03 1.23 25.79
CA GLY C 115 -12.77 1.67 25.22
C GLY C 115 -12.81 3.09 24.69
N LEU C 116 -13.89 3.80 24.98
CA LEU C 116 -14.06 5.18 24.53
C LEU C 116 -13.53 6.19 25.55
N ILE C 117 -12.91 7.26 25.06
CA ILE C 117 -12.33 8.29 25.92
C ILE C 117 -13.41 9.03 26.68
N THR C 118 -13.21 9.14 28.00
CA THR C 118 -14.13 9.87 28.87
C THR C 118 -13.48 11.13 29.43
N ASN C 119 -12.16 11.14 29.51
CA ASN C 119 -11.41 12.27 30.07
C ASN C 119 -10.10 12.53 29.36
N LEU C 120 -9.87 13.79 29.02
CA LEU C 120 -8.58 14.25 28.51
C LEU C 120 -8.25 15.57 29.19
N ARG C 121 -7.21 15.55 30.02
CA ARG C 121 -6.88 16.70 30.85
C ARG C 121 -5.43 17.12 30.65
N GLY C 122 -5.21 18.43 30.53
CA GLY C 122 -3.88 18.96 30.25
C GLY C 122 -3.34 19.84 31.36
N TYR C 123 -2.08 19.61 31.73
CA TYR C 123 -1.41 20.39 32.75
C TYR C 123 -0.43 21.38 32.13
N TYR C 124 -0.92 22.57 31.82
CA TYR C 124 -0.09 23.63 31.27
C TYR C 124 -0.81 24.97 31.38
N ASN C 125 -0.07 26.05 31.22
CA ASN C 125 -0.66 27.40 31.20
C ASN C 125 0.02 28.27 30.16
N LEU C 126 -0.39 29.54 30.07
CA LEU C 126 0.14 30.45 29.06
C LEU C 126 1.65 30.61 29.13
N ASP C 127 2.18 30.76 30.33
CA ASP C 127 3.60 31.02 30.51
C ASP C 127 4.45 29.89 29.93
N MET C 128 3.82 28.75 29.66
CA MET C 128 4.52 27.60 29.10
C MET C 128 4.44 27.58 27.57
N MET C 129 3.50 28.34 27.02
CA MET C 129 3.33 28.38 25.57
C MET C 129 4.36 29.27 24.89
N THR C 130 4.80 28.85 23.71
CA THR C 130 5.76 29.61 22.91
C THR C 130 5.17 29.92 21.55
N PHE C 131 5.26 31.18 21.13
CA PHE C 131 4.68 31.62 19.87
C PHE C 131 5.77 32.01 18.87
N GLY C 132 5.49 31.76 17.59
CA GLY C 132 6.43 32.07 16.52
C GLY C 132 5.78 32.84 15.37
N ASN C 133 6.58 33.62 14.66
CA ASN C 133 6.10 34.42 13.53
C ASN C 133 6.71 33.96 12.19
N GLN C 134 7.29 32.77 12.17
CA GLN C 134 7.89 32.23 10.95
C GLN C 134 7.19 30.94 10.54
N THR D 1 -4.99 -22.10 -20.88
CA THR D 1 -4.89 -21.44 -19.56
C THR D 1 -4.35 -22.39 -18.50
N GLN D 2 -3.36 -21.91 -17.76
CA GLN D 2 -2.71 -22.65 -16.68
C GLN D 2 -3.37 -22.31 -15.35
N SER D 3 -3.46 -23.30 -14.45
CA SER D 3 -4.15 -23.09 -13.18
C SER D 3 -3.27 -22.26 -12.26
N PRO D 4 -3.88 -21.60 -11.26
CA PRO D 4 -3.12 -20.73 -10.35
C PRO D 4 -1.99 -21.46 -9.62
N ALA D 5 -2.16 -22.75 -9.38
CA ALA D 5 -1.14 -23.54 -8.71
C ALA D 5 0.10 -23.70 -9.59
N LEU D 6 -0.12 -24.09 -10.85
CA LEU D 6 0.97 -24.27 -11.79
C LEU D 6 1.71 -22.95 -12.05
N ILE D 7 0.94 -21.88 -12.25
CA ILE D 7 1.50 -20.56 -12.47
C ILE D 7 2.40 -20.14 -11.29
N ALA D 8 1.90 -20.34 -10.08
CA ALA D 8 2.61 -19.94 -8.87
C ALA D 8 3.95 -20.66 -8.74
N SER D 9 3.93 -21.98 -8.91
CA SER D 9 5.13 -22.80 -8.76
C SER D 9 6.17 -22.47 -9.83
N GLN D 10 5.72 -22.29 -11.07
CA GLN D 10 6.61 -21.97 -12.17
C GLN D 10 7.24 -20.59 -12.00
N SER D 11 6.44 -19.63 -11.53
CA SER D 11 6.92 -18.27 -11.29
C SER D 11 7.93 -18.26 -10.14
N LEU D 12 7.67 -19.08 -9.12
CA LEU D 12 8.55 -19.15 -7.97
C LEU D 12 9.93 -19.65 -8.38
N GLY D 13 9.96 -20.61 -9.30
CA GLY D 13 11.21 -21.13 -9.82
C GLY D 13 11.93 -20.07 -10.62
N ARG D 14 11.16 -19.28 -11.37
CA ARG D 14 11.72 -18.21 -12.18
C ARG D 14 12.34 -17.10 -11.35
N CYS D 15 11.71 -16.76 -10.24
CA CYS D 15 12.22 -15.70 -9.36
C CYS D 15 13.47 -16.20 -8.63
N THR D 16 13.54 -17.51 -8.42
CA THR D 16 14.69 -18.13 -7.78
C THR D 16 15.87 -18.10 -8.75
N GLN D 17 15.58 -18.42 -10.01
CA GLN D 17 16.58 -18.46 -11.06
C GLN D 17 17.10 -17.06 -11.42
N ALA D 18 16.47 -16.04 -10.85
CA ALA D 18 16.86 -14.65 -11.11
C ALA D 18 17.23 -13.90 -9.83
N LYS D 19 17.23 -14.62 -8.70
CA LYS D 19 17.56 -14.03 -7.40
C LYS D 19 16.79 -12.74 -7.14
N ASP D 20 15.50 -12.74 -7.51
CA ASP D 20 14.62 -11.60 -7.29
C ASP D 20 13.88 -11.78 -5.98
N ARG D 21 14.50 -11.33 -4.88
CA ARG D 21 13.94 -11.50 -3.55
C ARG D 21 12.53 -10.95 -3.43
N GLU D 22 12.32 -9.72 -3.93
CA GLU D 22 11.03 -9.05 -3.79
C GLU D 22 9.94 -9.75 -4.62
N GLY D 23 10.27 -10.12 -5.85
CA GLY D 23 9.33 -10.82 -6.70
C GLY D 23 9.02 -12.20 -6.17
N TRP D 24 10.04 -12.84 -5.60
CA TRP D 24 9.90 -14.16 -5.01
C TRP D 24 8.88 -14.14 -3.88
N LEU D 25 9.02 -13.15 -3.00
CA LEU D 25 8.14 -13.02 -1.85
C LEU D 25 6.75 -12.55 -2.26
N ALA D 26 6.66 -11.79 -3.34
CA ALA D 26 5.39 -11.24 -3.78
C ALA D 26 4.44 -12.33 -4.27
N LEU D 27 4.97 -13.50 -4.51
CA LEU D 27 4.17 -14.60 -4.96
C LEU D 27 3.59 -15.34 -3.81
N MET D 28 3.74 -14.84 -2.61
CA MET D 28 3.25 -15.51 -1.44
C MET D 28 2.28 -14.77 -0.60
N ALA D 29 1.47 -15.53 0.10
CA ALA D 29 0.47 -15.00 0.97
C ALA D 29 1.12 -14.63 2.27
N ASP D 30 0.48 -13.76 3.02
CA ASP D 30 1.07 -13.29 4.28
C ASP D 30 1.15 -14.40 5.32
N ASP D 31 0.32 -15.43 5.16
CA ASP D 31 0.28 -16.55 6.10
C ASP D 31 0.96 -17.78 5.50
N VAL D 32 1.93 -17.54 4.61
CA VAL D 32 2.65 -18.62 3.95
C VAL D 32 3.42 -19.47 4.95
N VAL D 33 3.43 -20.78 4.70
CA VAL D 33 4.21 -21.71 5.51
C VAL D 33 5.06 -22.57 4.57
N ILE D 34 6.38 -22.43 4.68
CA ILE D 34 7.30 -23.21 3.85
C ILE D 34 7.93 -24.31 4.69
N GLU D 35 7.74 -25.56 4.24
CA GLU D 35 8.29 -26.73 4.93
C GLU D 35 9.16 -27.54 3.97
N THR D 36 10.40 -27.09 3.80
CA THR D 36 11.35 -27.74 2.91
C THR D 36 12.61 -28.17 3.67
N PRO D 37 12.64 -29.43 4.15
CA PRO D 37 11.62 -30.47 4.03
C PRO D 37 10.59 -30.40 5.15
N ILE D 38 9.67 -31.36 5.14
CA ILE D 38 8.75 -31.55 6.25
C ILE D 38 9.51 -32.23 7.40
N GLY D 39 9.48 -31.62 8.58
CA GLY D 39 10.18 -32.13 9.74
C GLY D 39 11.40 -31.30 10.11
N LYS D 40 12.03 -31.65 11.22
CA LYS D 40 13.15 -30.88 11.75
C LYS D 40 14.38 -30.99 10.84
N SER D 41 14.98 -29.86 10.55
CA SER D 41 16.15 -29.79 9.67
C SER D 41 16.78 -28.40 9.78
N VAL D 42 17.95 -28.23 9.18
CA VAL D 42 18.60 -26.91 9.20
C VAL D 42 17.78 -25.88 8.43
N THR D 43 17.06 -26.33 7.41
CA THR D 43 16.20 -25.43 6.63
C THR D 43 14.77 -25.41 7.14
N ASN D 44 14.51 -26.19 8.20
CA ASN D 44 13.22 -26.18 8.88
C ASN D 44 13.44 -26.46 10.37
N PRO D 45 14.12 -25.54 11.02
CA PRO D 45 14.55 -25.60 12.41
C PRO D 45 13.59 -26.10 13.48
N ASP D 46 12.37 -25.63 13.49
CA ASP D 46 11.40 -26.03 14.49
C ASP D 46 10.60 -27.25 14.11
N GLY D 47 10.68 -27.65 12.86
CA GLY D 47 9.95 -28.80 12.42
C GLY D 47 8.52 -28.50 12.06
N SER D 48 8.14 -27.24 12.21
CA SER D 48 6.81 -26.81 11.92
C SER D 48 6.73 -25.87 10.72
N GLY D 49 7.85 -25.61 10.10
CA GLY D 49 7.89 -24.77 8.94
C GLY D 49 8.21 -23.32 9.11
N ILE D 50 8.56 -22.67 8.01
CA ILE D 50 8.87 -21.25 8.04
C ILE D 50 7.59 -20.46 7.85
N LYS D 51 7.14 -19.74 8.87
CA LYS D 51 5.82 -19.11 8.85
C LYS D 51 5.90 -17.60 8.72
N GLY D 52 5.27 -17.05 7.71
CA GLY D 52 5.28 -15.62 7.54
C GLY D 52 6.20 -15.18 6.48
N LYS D 53 5.94 -13.99 5.96
CA LYS D 53 6.75 -13.45 4.92
C LYS D 53 8.04 -12.94 5.51
N GLU D 54 8.00 -12.57 6.77
CA GLU D 54 9.16 -12.08 7.48
C GLU D 54 10.13 -13.20 7.70
N ALA D 55 9.65 -14.32 8.22
CA ALA D 55 10.49 -15.48 8.45
C ALA D 55 10.99 -16.08 7.15
N VAL D 56 10.13 -16.06 6.12
CA VAL D 56 10.50 -16.58 4.80
C VAL D 56 11.48 -15.65 4.11
N GLY D 57 11.46 -14.37 4.47
CA GLY D 57 12.42 -13.43 3.94
C GLY D 57 13.80 -13.75 4.48
N ALA D 58 13.87 -14.09 5.76
CA ALA D 58 15.12 -14.50 6.39
C ALA D 58 15.62 -15.80 5.79
N PHE D 59 14.68 -16.71 5.52
CA PHE D 59 15.00 -18.00 4.89
C PHE D 59 15.70 -17.81 3.55
N TRP D 60 15.20 -16.87 2.75
CA TRP D 60 15.80 -16.56 1.47
C TRP D 60 17.24 -16.09 1.64
N ASP D 61 17.44 -15.15 2.56
CA ASP D 61 18.75 -14.59 2.83
C ASP D 61 19.72 -15.68 3.31
N THR D 62 19.24 -16.51 4.23
CA THR D 62 20.09 -17.52 4.87
C THR D 62 20.47 -18.68 3.96
N HIS D 63 19.57 -19.08 3.06
CA HIS D 63 19.72 -20.35 2.35
C HIS D 63 19.70 -20.27 0.82
N ILE D 64 19.27 -19.15 0.26
CA ILE D 64 19.07 -19.04 -1.19
C ILE D 64 19.94 -17.98 -1.86
N ALA D 65 19.95 -16.77 -1.29
CA ALA D 65 20.58 -15.61 -1.92
C ALA D 65 21.98 -15.88 -2.47
N ASP D 66 22.88 -16.33 -1.60
CA ASP D 66 24.28 -16.53 -1.98
C ASP D 66 24.63 -18.00 -2.16
N ASP D 67 23.63 -18.83 -2.50
CA ASP D 67 23.84 -20.26 -2.65
C ASP D 67 23.54 -20.77 -4.06
N ARG D 68 23.28 -19.86 -4.99
CA ARG D 68 23.05 -20.21 -6.39
C ARG D 68 22.00 -21.31 -6.55
N VAL D 69 20.90 -21.19 -5.81
CA VAL D 69 19.87 -22.23 -5.83
C VAL D 69 19.12 -22.24 -7.16
N THR D 70 19.03 -23.43 -7.75
CA THR D 70 18.26 -23.62 -8.98
C THR D 70 17.41 -24.89 -8.87
N VAL D 71 16.12 -24.75 -9.18
CA VAL D 71 15.20 -25.88 -9.13
C VAL D 71 14.77 -26.29 -10.53
N THR D 72 14.78 -27.61 -10.78
CA THR D 72 14.40 -28.16 -12.08
C THR D 72 13.24 -29.15 -11.92
N CYS D 73 12.21 -28.96 -12.73
CA CYS D 73 11.04 -29.84 -12.70
C CYS D 73 11.26 -31.07 -13.57
N GLU D 74 11.04 -32.25 -12.97
CA GLU D 74 11.22 -33.52 -13.67
C GLU D 74 9.87 -34.07 -14.14
N GLU D 75 8.85 -33.87 -13.32
CA GLU D 75 7.51 -34.34 -13.63
C GLU D 75 6.46 -33.56 -12.83
N THR D 76 5.34 -33.25 -13.48
CA THR D 76 4.26 -32.50 -12.85
C THR D 76 3.05 -33.40 -12.60
N PHE D 77 2.49 -33.28 -11.40
CA PHE D 77 1.29 -34.05 -11.02
C PHE D 77 0.15 -33.12 -10.60
N PRO D 78 -0.71 -32.73 -11.56
CA PRO D 78 -1.88 -31.92 -11.20
C PRO D 78 -2.88 -32.70 -10.36
N SER D 79 -3.70 -32.00 -9.60
CA SER D 79 -4.81 -32.61 -8.87
C SER D 79 -6.11 -32.24 -9.56
N SER D 80 -7.24 -32.51 -8.91
CA SER D 80 -8.54 -32.11 -9.44
C SER D 80 -8.93 -30.75 -8.88
N SER D 81 -7.98 -30.09 -8.22
CA SER D 81 -8.16 -28.71 -7.77
C SER D 81 -7.11 -27.82 -8.43
N PRO D 82 -7.53 -26.66 -8.95
CA PRO D 82 -6.57 -25.77 -9.62
C PRO D 82 -5.67 -25.02 -8.64
N ASP D 83 -5.90 -25.19 -7.34
CA ASP D 83 -5.15 -24.47 -6.32
C ASP D 83 -4.08 -25.33 -5.65
N GLU D 84 -4.03 -26.61 -6.00
CA GLU D 84 -3.04 -27.53 -5.44
C GLU D 84 -2.38 -28.36 -6.54
N ILE D 85 -1.06 -28.51 -6.44
CA ILE D 85 -0.28 -29.24 -7.44
C ILE D 85 0.93 -29.87 -6.79
N ALA D 86 1.50 -30.88 -7.45
CA ALA D 86 2.70 -31.56 -6.96
C ALA D 86 3.73 -31.68 -8.08
N HIS D 87 5.00 -31.56 -7.70
CA HIS D 87 6.10 -31.65 -8.65
C HIS D 87 7.20 -32.57 -8.12
N ILE D 88 7.88 -33.26 -9.03
CA ILE D 88 9.16 -33.88 -8.70
C ILE D 88 10.26 -32.91 -9.13
N LEU D 89 10.97 -32.36 -8.14
CA LEU D 89 11.99 -31.35 -8.39
C LEU D 89 13.39 -31.85 -8.06
N VAL D 90 14.37 -31.32 -8.76
CA VAL D 90 15.77 -31.53 -8.43
C VAL D 90 16.37 -30.18 -8.09
N ALA D 91 16.70 -30.00 -6.81
CA ALA D 91 17.23 -28.73 -6.35
C ALA D 91 18.75 -28.82 -6.25
N HIS D 92 19.43 -27.88 -6.93
CA HIS D 92 20.88 -27.81 -6.87
C HIS D 92 21.29 -26.49 -6.25
N ALA D 93 22.39 -26.52 -5.51
CA ALA D 93 22.90 -25.34 -4.83
C ALA D 93 24.42 -25.38 -4.76
N GLU D 94 25.02 -24.21 -4.59
CA GLU D 94 26.46 -24.08 -4.42
C GLU D 94 26.70 -23.39 -3.09
N PHE D 95 27.51 -23.98 -2.23
CA PHE D 95 27.73 -23.42 -0.91
C PHE D 95 29.12 -22.83 -0.75
N ASP D 96 29.37 -22.36 0.47
CA ASP D 96 30.63 -21.79 0.92
C ASP D 96 31.91 -22.12 0.13
N GLY D 97 32.09 -21.56 -1.08
CA GLY D 97 33.35 -21.74 -1.79
C GLY D 97 33.35 -22.57 -3.06
N GLY D 98 32.36 -23.42 -3.25
CA GLY D 98 32.30 -24.26 -4.44
C GLY D 98 31.74 -25.64 -4.14
N PHE D 99 31.46 -25.91 -2.87
CA PHE D 99 30.80 -27.15 -2.52
C PHE D 99 29.40 -27.12 -3.08
N THR D 100 28.91 -28.28 -3.50
CA THR D 100 27.61 -28.37 -4.14
C THR D 100 26.71 -29.34 -3.39
N SER D 101 25.40 -29.12 -3.49
CA SER D 101 24.42 -30.03 -2.92
C SER D 101 23.31 -30.26 -3.94
N GLU D 102 22.80 -31.48 -4.00
CA GLU D 102 21.72 -31.82 -4.91
C GLU D 102 20.76 -32.79 -4.24
N VAL D 103 19.47 -32.54 -4.40
CA VAL D 103 18.45 -33.41 -3.85
C VAL D 103 17.24 -33.50 -4.78
N ARG D 104 16.63 -34.68 -4.82
CA ARG D 104 15.44 -34.92 -5.64
C ARG D 104 14.29 -35.38 -4.74
N GLY D 105 13.19 -34.63 -4.77
CA GLY D 105 12.04 -34.97 -3.94
C GLY D 105 10.69 -34.52 -4.50
N VAL D 106 9.64 -34.87 -3.78
CA VAL D 106 8.28 -34.44 -4.11
C VAL D 106 7.95 -33.15 -3.39
N PHE D 107 7.46 -32.17 -4.13
CA PHE D 107 7.08 -30.89 -3.54
C PHE D 107 5.63 -30.54 -3.87
N THR D 108 4.85 -30.31 -2.83
CA THR D 108 3.44 -29.97 -2.98
C THR D 108 3.25 -28.48 -2.79
N TYR D 109 2.39 -27.88 -3.61
CA TYR D 109 2.10 -26.46 -3.54
C TYR D 109 0.63 -26.22 -3.24
N ARG D 110 0.32 -25.08 -2.64
CA ARG D 110 -1.06 -24.66 -2.43
C ARG D 110 -1.15 -23.15 -2.49
N VAL D 111 -2.16 -22.66 -3.21
CA VAL D 111 -2.41 -21.23 -3.32
C VAL D 111 -3.81 -20.93 -2.79
N ASN D 112 -4.03 -19.67 -2.40
CA ASN D 112 -5.35 -19.24 -1.95
C ASN D 112 -6.17 -18.75 -3.14
N LYS D 113 -7.35 -18.20 -2.87
CA LYS D 113 -8.23 -17.72 -3.93
C LYS D 113 -7.55 -16.64 -4.78
N ALA D 114 -6.71 -15.84 -4.15
CA ALA D 114 -5.99 -14.77 -4.84
C ALA D 114 -4.84 -15.30 -5.70
N GLY D 115 -4.51 -16.58 -5.53
CA GLY D 115 -3.46 -17.20 -6.31
C GLY D 115 -2.07 -17.11 -5.69
N LEU D 116 -2.01 -16.68 -4.44
CA LEU D 116 -0.74 -16.56 -3.72
C LEU D 116 -0.40 -17.83 -2.97
N ILE D 117 0.88 -18.21 -2.96
CA ILE D 117 1.32 -19.43 -2.32
C ILE D 117 1.12 -19.35 -0.81
N THR D 118 0.46 -20.36 -0.25
CA THR D 118 0.23 -20.45 1.18
C THR D 118 0.99 -21.63 1.79
N ASN D 119 1.29 -22.62 0.96
CA ASN D 119 1.99 -23.83 1.40
C ASN D 119 2.96 -24.34 0.35
N LEU D 120 4.18 -24.63 0.80
CA LEU D 120 5.17 -25.32 -0.02
C LEU D 120 5.86 -26.34 0.85
N ARG D 121 5.64 -27.62 0.55
CA ARG D 121 6.10 -28.71 1.39
C ARG D 121 6.95 -29.69 0.59
N GLY D 122 8.06 -30.12 1.18
CA GLY D 122 9.01 -30.99 0.50
C GLY D 122 9.16 -32.34 1.18
N TYR D 123 9.09 -33.40 0.38
CA TYR D 123 9.28 -34.75 0.88
C TYR D 123 10.66 -35.27 0.52
N TYR D 124 11.61 -35.04 1.41
CA TYR D 124 12.97 -35.51 1.24
C TYR D 124 13.70 -35.43 2.58
N ASN D 125 14.82 -36.14 2.69
CA ASN D 125 15.66 -36.07 3.88
C ASN D 125 17.14 -36.07 3.49
N LEU D 126 18.00 -36.08 4.50
CA LEU D 126 19.45 -36.02 4.28
C LEU D 126 19.98 -37.13 3.38
N ASP D 127 19.54 -38.36 3.63
CA ASP D 127 20.05 -39.51 2.90
C ASP D 127 19.78 -39.42 1.39
N MET D 128 18.89 -38.52 1.01
CA MET D 128 18.55 -38.32 -0.40
C MET D 128 19.41 -37.24 -1.04
N MET D 129 20.06 -36.43 -0.21
CA MET D 129 20.93 -35.38 -0.73
C MET D 129 22.29 -35.93 -1.14
N THR D 130 22.83 -35.36 -2.20
CA THR D 130 24.17 -35.71 -2.67
C THR D 130 25.02 -34.44 -2.69
N PHE D 131 26.21 -34.54 -2.12
CA PHE D 131 27.12 -33.40 -1.99
C PHE D 131 28.33 -33.63 -2.90
N GLY D 132 28.93 -32.53 -3.36
CA GLY D 132 30.02 -32.60 -4.33
C GLY D 132 31.28 -31.91 -3.87
N ASN D 133 32.41 -32.36 -4.40
CA ASN D 133 33.72 -31.84 -4.03
C ASN D 133 34.32 -30.96 -5.15
N GLN D 134 33.55 -30.74 -6.21
CA GLN D 134 33.93 -29.80 -7.27
C GLN D 134 32.73 -28.90 -7.53
N THR E 1 42.03 7.23 -3.46
CA THR E 1 41.36 6.16 -4.25
C THR E 1 39.85 6.36 -4.28
N GLN E 2 39.29 6.26 -5.48
CA GLN E 2 37.86 6.38 -5.71
C GLN E 2 37.20 5.01 -5.66
N SER E 3 35.97 4.96 -5.15
CA SER E 3 35.32 3.68 -4.95
C SER E 3 34.86 3.12 -6.29
N PRO E 4 34.67 1.79 -6.37
CA PRO E 4 34.31 1.14 -7.63
C PRO E 4 33.02 1.68 -8.25
N ALA E 5 32.09 2.14 -7.41
CA ALA E 5 30.83 2.69 -7.90
C ALA E 5 31.08 3.99 -8.64
N LEU E 6 31.85 4.89 -8.01
CA LEU E 6 32.16 6.18 -8.61
C LEU E 6 32.96 6.00 -9.90
N ILE E 7 33.94 5.12 -9.86
CA ILE E 7 34.75 4.82 -11.05
C ILE E 7 33.86 4.31 -12.18
N ALA E 8 32.98 3.37 -11.86
CA ALA E 8 32.10 2.77 -12.85
C ALA E 8 31.16 3.79 -13.46
N SER E 9 30.53 4.60 -12.61
CA SER E 9 29.56 5.59 -13.07
C SER E 9 30.23 6.63 -13.94
N GLN E 10 31.40 7.08 -13.52
CA GLN E 10 32.16 8.06 -14.28
C GLN E 10 32.67 7.47 -15.59
N SER E 11 33.10 6.21 -15.55
CA SER E 11 33.61 5.54 -16.74
C SER E 11 32.50 5.27 -17.76
N LEU E 12 31.33 4.89 -17.27
CA LEU E 12 30.18 4.63 -18.13
C LEU E 12 29.76 5.90 -18.84
N GLY E 13 29.79 7.01 -18.10
CA GLY E 13 29.47 8.31 -18.63
C GLY E 13 30.52 8.81 -19.60
N ARG E 14 31.78 8.53 -19.31
CA ARG E 14 32.89 8.98 -20.15
C ARG E 14 32.79 8.34 -21.53
N CYS E 15 32.40 7.06 -21.56
CA CYS E 15 32.24 6.35 -22.82
C CYS E 15 31.03 6.89 -23.57
N THR E 16 30.05 7.40 -22.83
CA THR E 16 28.85 7.96 -23.42
C THR E 16 29.13 9.29 -24.10
N GLN E 17 29.89 10.15 -23.43
CA GLN E 17 30.25 11.45 -23.99
C GLN E 17 31.26 11.30 -25.12
N ALA E 18 31.74 10.07 -25.32
CA ALA E 18 32.73 9.78 -26.36
C ALA E 18 32.25 8.70 -27.34
N LYS E 19 30.99 8.29 -27.18
CA LYS E 19 30.40 7.26 -28.05
C LYS E 19 31.25 6.01 -28.20
N ASP E 20 31.81 5.54 -27.08
CA ASP E 20 32.61 4.32 -27.07
C ASP E 20 31.77 3.11 -26.71
N ARG E 21 31.12 2.50 -27.70
CA ARG E 21 30.22 1.37 -27.48
C ARG E 21 30.87 0.20 -26.76
N GLU E 22 32.05 -0.21 -27.23
CA GLU E 22 32.72 -1.39 -26.69
C GLU E 22 33.16 -1.17 -25.24
N GLY E 23 33.74 0.00 -24.97
CA GLY E 23 34.15 0.32 -23.62
C GLY E 23 32.96 0.46 -22.69
N TRP E 24 31.87 1.01 -23.23
CA TRP E 24 30.64 1.19 -22.48
C TRP E 24 30.10 -0.15 -21.99
N LEU E 25 30.06 -1.13 -22.88
CA LEU E 25 29.55 -2.45 -22.55
C LEU E 25 30.50 -3.23 -21.66
N ALA E 26 31.80 -2.96 -21.79
CA ALA E 26 32.81 -3.68 -21.03
C ALA E 26 32.80 -3.31 -19.54
N LEU E 27 32.15 -2.20 -19.23
CA LEU E 27 32.06 -1.73 -17.84
C LEU E 27 30.92 -2.39 -17.09
N MET E 28 30.16 -3.23 -17.80
CA MET E 28 28.95 -3.84 -17.25
C MET E 28 29.10 -5.33 -17.06
N ALA E 29 28.33 -5.89 -16.13
CA ALA E 29 28.29 -7.32 -15.92
C ALA E 29 27.38 -7.96 -16.96
N ASP E 30 27.54 -9.28 -17.16
CA ASP E 30 26.76 -9.98 -18.17
C ASP E 30 25.28 -10.02 -17.81
N ASP E 31 24.97 -9.84 -16.53
CA ASP E 31 23.58 -9.84 -16.05
C ASP E 31 23.12 -8.42 -15.68
N VAL E 32 23.71 -7.42 -16.33
CA VAL E 32 23.38 -6.03 -16.06
C VAL E 32 21.90 -5.73 -16.35
N VAL E 33 21.30 -4.92 -15.50
CA VAL E 33 19.91 -4.47 -15.68
C VAL E 33 19.82 -2.96 -15.63
N ILE E 34 19.42 -2.36 -16.76
CA ILE E 34 19.26 -0.92 -16.85
C ILE E 34 17.80 -0.54 -16.83
N GLU E 35 17.43 0.31 -15.88
CA GLU E 35 16.06 0.82 -15.74
C GLU E 35 16.03 2.34 -15.80
N THR E 36 16.05 2.88 -17.02
CA THR E 36 16.03 4.32 -17.23
C THR E 36 14.84 4.72 -18.12
N PRO E 37 13.71 5.10 -17.51
CA PRO E 37 13.45 5.21 -16.06
C PRO E 37 12.95 3.91 -15.45
N ILE E 38 12.65 3.95 -14.16
CA ILE E 38 11.98 2.84 -13.50
C ILE E 38 10.51 2.91 -13.89
N GLY E 39 9.99 1.80 -14.44
CA GLY E 39 8.61 1.74 -14.89
C GLY E 39 8.51 1.75 -16.41
N LYS E 40 7.30 1.57 -16.91
CA LYS E 40 7.08 1.46 -18.35
C LYS E 40 7.34 2.78 -19.08
N SER E 41 8.13 2.69 -20.15
CA SER E 41 8.49 3.84 -20.96
C SER E 41 9.10 3.32 -22.27
N VAL E 42 9.37 4.20 -23.23
CA VAL E 42 9.94 3.75 -24.49
C VAL E 42 11.37 3.21 -24.27
N THR E 43 12.04 3.74 -23.26
CA THR E 43 13.41 3.32 -22.93
C THR E 43 13.40 2.21 -21.89
N ASN E 44 12.19 1.81 -21.49
CA ASN E 44 12.00 0.67 -20.61
C ASN E 44 10.66 0.01 -20.93
N PRO E 45 10.57 -0.64 -22.10
CA PRO E 45 9.31 -1.13 -22.71
C PRO E 45 8.42 -1.95 -21.78
N ASP E 46 8.97 -2.98 -21.15
CA ASP E 46 8.19 -3.86 -20.31
C ASP E 46 8.10 -3.36 -18.87
N GLY E 47 8.85 -2.30 -18.56
CA GLY E 47 8.79 -1.70 -17.25
C GLY E 47 9.49 -2.49 -16.15
N SER E 48 10.23 -3.52 -16.55
CA SER E 48 10.98 -4.35 -15.60
C SER E 48 12.48 -4.24 -15.87
N GLY E 49 12.85 -3.41 -16.83
CA GLY E 49 14.24 -3.12 -17.13
C GLY E 49 14.77 -3.91 -18.32
N ILE E 50 15.88 -3.43 -18.88
CA ILE E 50 16.56 -4.10 -19.98
C ILE E 50 17.60 -5.06 -19.42
N LYS E 51 17.41 -6.35 -19.66
CA LYS E 51 18.19 -7.40 -19.01
C LYS E 51 19.16 -8.08 -19.98
N GLY E 52 20.44 -8.09 -19.60
CA GLY E 52 21.46 -8.77 -20.38
C GLY E 52 22.27 -7.83 -21.22
N LYS E 53 23.53 -8.19 -21.49
CA LYS E 53 24.43 -7.34 -22.26
C LYS E 53 23.95 -7.22 -23.70
N GLU E 54 23.26 -8.24 -24.19
CA GLU E 54 22.76 -8.25 -25.57
C GLU E 54 21.63 -7.24 -25.74
N ALA E 55 20.67 -7.27 -24.81
CA ALA E 55 19.53 -6.36 -24.86
C ALA E 55 19.98 -4.92 -24.63
N VAL E 56 20.95 -4.74 -23.75
CA VAL E 56 21.50 -3.42 -23.48
C VAL E 56 22.35 -2.95 -24.65
N GLY E 57 22.89 -3.90 -25.40
CA GLY E 57 23.65 -3.56 -26.60
C GLY E 57 22.74 -2.98 -27.66
N ALA E 58 21.56 -3.56 -27.81
CA ALA E 58 20.56 -3.05 -28.73
C ALA E 58 20.09 -1.67 -28.26
N PHE E 59 19.92 -1.54 -26.95
CA PHE E 59 19.51 -0.29 -26.33
C PHE E 59 20.46 0.86 -26.69
N TRP E 60 21.76 0.58 -26.68
CA TRP E 60 22.74 1.60 -27.04
C TRP E 60 22.51 2.05 -28.48
N ASP E 61 22.36 1.09 -29.38
CA ASP E 61 22.15 1.38 -30.79
C ASP E 61 20.86 2.18 -31.01
N THR E 62 19.79 1.75 -30.34
CA THR E 62 18.47 2.33 -30.53
C THR E 62 18.30 3.73 -29.94
N HIS E 63 18.94 4.01 -28.81
CA HIS E 63 18.63 5.21 -28.03
C HIS E 63 19.83 6.11 -27.74
N ILE E 64 21.05 5.62 -27.97
CA ILE E 64 22.26 6.37 -27.62
C ILE E 64 23.11 6.67 -28.85
N ALA E 65 23.37 5.65 -29.65
CA ALA E 65 24.29 5.74 -30.79
C ALA E 65 24.06 6.98 -31.66
N ASP E 66 22.85 7.11 -32.18
CA ASP E 66 22.53 8.18 -33.12
C ASP E 66 21.70 9.29 -32.47
N ASP E 67 21.84 9.47 -31.16
CA ASP E 67 21.07 10.46 -30.43
C ASP E 67 21.92 11.54 -29.75
N ARG E 68 23.23 11.54 -30.02
CA ARG E 68 24.13 12.58 -29.52
C ARG E 68 23.98 12.82 -28.01
N VAL E 69 23.90 11.74 -27.25
CA VAL E 69 23.68 11.82 -25.80
C VAL E 69 24.87 12.33 -25.02
N THR E 70 24.62 13.29 -24.13
CA THR E 70 25.63 13.81 -23.22
C THR E 70 25.05 13.89 -21.80
N VAL E 71 25.78 13.33 -20.84
CA VAL E 71 25.34 13.32 -19.44
C VAL E 71 26.20 14.22 -18.56
N THR E 72 25.55 15.01 -17.70
CA THR E 72 26.23 15.93 -16.81
C THR E 72 25.88 15.63 -15.36
N CYS E 73 26.90 15.47 -14.52
CA CYS E 73 26.70 15.23 -13.10
C CYS E 73 26.51 16.55 -12.37
N GLU E 74 25.43 16.65 -11.61
CA GLU E 74 25.12 17.86 -10.86
C GLU E 74 25.52 17.73 -9.40
N GLU E 75 25.31 16.54 -8.84
CA GLU E 75 25.64 16.28 -7.46
C GLU E 75 25.79 14.79 -7.22
N THR E 76 26.78 14.43 -6.41
CA THR E 76 27.06 13.02 -6.11
C THR E 76 26.67 12.70 -4.67
N PHE E 77 26.00 11.57 -4.50
CA PHE E 77 25.60 11.09 -3.19
C PHE E 77 26.18 9.72 -2.93
N PRO E 78 27.38 9.66 -2.31
CA PRO E 78 27.95 8.38 -1.94
C PRO E 78 27.13 7.72 -0.84
N SER E 79 27.21 6.39 -0.74
CA SER E 79 26.62 5.68 0.37
C SER E 79 27.74 5.22 1.29
N SER E 80 27.42 4.35 2.25
CA SER E 80 28.42 3.78 3.11
C SER E 80 28.92 2.45 2.56
N SER E 81 28.56 2.19 1.29
CA SER E 81 29.04 1.02 0.56
C SER E 81 29.84 1.47 -0.66
N PRO E 82 31.01 0.85 -0.90
CA PRO E 82 31.78 1.29 -2.07
C PRO E 82 31.19 0.78 -3.39
N ASP E 83 30.15 -0.04 -3.31
CA ASP E 83 29.58 -0.66 -4.50
C ASP E 83 28.28 0.00 -4.97
N GLU E 84 27.77 0.97 -4.21
CA GLU E 84 26.55 1.66 -4.58
C GLU E 84 26.69 3.17 -4.42
N ILE E 85 26.17 3.89 -5.41
CA ILE E 85 26.26 5.34 -5.43
C ILE E 85 25.05 5.94 -6.16
N ALA E 86 24.77 7.21 -5.88
CA ALA E 86 23.65 7.90 -6.52
C ALA E 86 24.09 9.26 -7.03
N HIS E 87 23.51 9.67 -8.16
CA HIS E 87 23.84 10.96 -8.79
C HIS E 87 22.59 11.72 -9.18
N ILE E 88 22.70 13.05 -9.13
CA ILE E 88 21.73 13.92 -9.78
C ILE E 88 22.31 14.22 -11.15
N LEU E 89 21.68 13.70 -12.19
CA LEU E 89 22.19 13.84 -13.56
C LEU E 89 21.26 14.67 -14.42
N VAL E 90 21.84 15.33 -15.42
CA VAL E 90 21.09 16.01 -16.46
C VAL E 90 21.43 15.39 -17.81
N ALA E 91 20.46 14.70 -18.40
CA ALA E 91 20.64 14.01 -19.67
C ALA E 91 20.12 14.84 -20.84
N HIS E 92 20.91 15.03 -21.86
CA HIS E 92 20.53 15.80 -23.00
C HIS E 92 20.59 14.90 -24.19
N ALA E 93 19.75 15.14 -25.17
CA ALA E 93 19.72 14.29 -26.33
C ALA E 93 19.19 15.01 -27.53
N GLU E 94 19.60 14.54 -28.71
CA GLU E 94 19.17 15.08 -29.98
C GLU E 94 18.41 14.01 -30.72
N PHE E 95 17.29 14.36 -31.31
CA PHE E 95 16.49 13.37 -32.01
C PHE E 95 16.60 13.49 -33.50
N ASP E 96 15.94 12.57 -34.16
CA ASP E 96 15.95 12.53 -35.59
C ASP E 96 15.46 13.87 -36.08
N GLY E 97 16.40 14.68 -36.53
CA GLY E 97 16.11 15.99 -37.03
C GLY E 97 16.87 17.05 -36.32
N GLY E 98 16.82 17.01 -35.01
CA GLY E 98 17.47 18.03 -34.24
C GLY E 98 16.65 18.52 -33.07
N PHE E 99 15.55 17.86 -32.79
CA PHE E 99 14.74 18.22 -31.66
C PHE E 99 15.56 17.75 -30.52
N THR E 100 15.43 18.40 -29.40
CA THR E 100 16.19 17.99 -28.27
C THR E 100 15.34 17.59 -27.14
N SER E 101 15.94 16.82 -26.28
CA SER E 101 15.28 16.33 -25.07
C SER E 101 16.22 16.50 -23.89
N GLU E 102 15.66 16.87 -22.75
CA GLU E 102 16.45 17.05 -21.53
C GLU E 102 15.66 16.64 -20.30
N VAL E 103 16.32 15.92 -19.39
CA VAL E 103 15.69 15.52 -18.14
C VAL E 103 16.69 15.52 -16.98
N ARG E 104 16.19 15.87 -15.80
CA ARG E 104 16.98 15.88 -14.58
C ARG E 104 16.35 14.94 -13.56
N GLY E 105 17.11 13.94 -13.12
CA GLY E 105 16.61 12.96 -12.17
C GLY E 105 17.67 12.34 -11.30
N VAL E 106 17.24 11.48 -10.39
CA VAL E 106 18.14 10.71 -9.54
C VAL E 106 18.49 9.40 -10.23
N PHE E 107 19.78 9.11 -10.30
CA PHE E 107 20.24 7.87 -10.90
C PHE E 107 21.10 7.09 -9.91
N THR E 108 20.68 5.85 -9.62
CA THR E 108 21.40 5.00 -8.69
C THR E 108 22.20 3.94 -9.44
N TYR E 109 23.41 3.68 -8.96
CA TYR E 109 24.30 2.70 -9.57
C TYR E 109 24.61 1.59 -8.58
N ARG E 110 24.96 0.42 -9.11
CA ARG E 110 25.43 -0.70 -8.30
C ARG E 110 26.40 -1.55 -9.10
N VAL E 111 27.51 -1.91 -8.47
CA VAL E 111 28.50 -2.78 -9.09
C VAL E 111 28.68 -4.05 -8.27
N ASN E 112 29.17 -5.11 -8.92
CA ASN E 112 29.44 -6.37 -8.23
C ASN E 112 30.86 -6.38 -7.65
N LYS E 113 31.26 -7.52 -7.10
CA LYS E 113 32.58 -7.68 -6.50
C LYS E 113 33.68 -7.40 -7.52
N ALA E 114 33.43 -7.77 -8.77
CA ALA E 114 34.39 -7.56 -9.85
C ALA E 114 34.44 -6.09 -10.27
N GLY E 115 33.49 -5.30 -9.79
CA GLY E 115 33.47 -3.88 -10.07
C GLY E 115 32.69 -3.53 -11.33
N LEU E 116 31.97 -4.51 -11.86
CA LEU E 116 31.17 -4.31 -13.07
C LEU E 116 29.76 -3.88 -12.72
N ILE E 117 29.20 -2.97 -13.51
CA ILE E 117 27.86 -2.44 -13.27
C ILE E 117 26.80 -3.53 -13.46
N THR E 118 25.94 -3.67 -12.46
CA THR E 118 24.84 -4.63 -12.49
C THR E 118 23.48 -3.93 -12.52
N ASN E 119 23.45 -2.71 -12.00
CA ASN E 119 22.20 -1.96 -11.92
C ASN E 119 22.39 -0.47 -12.18
N LEU E 120 21.54 0.08 -13.04
CA LEU E 120 21.47 1.52 -13.27
C LEU E 120 19.99 1.90 -13.35
N ARG E 121 19.53 2.66 -12.36
CA ARG E 121 18.11 2.98 -12.24
C ARG E 121 17.87 4.49 -12.19
N GLY E 122 16.87 4.95 -12.92
CA GLY E 122 16.58 6.37 -13.02
C GLY E 122 15.22 6.74 -12.45
N TYR E 123 15.19 7.79 -11.62
CA TYR E 123 13.95 8.28 -11.03
C TYR E 123 13.50 9.54 -11.75
N TYR E 124 12.69 9.36 -12.80
CA TYR E 124 12.13 10.46 -13.56
C TYR E 124 10.98 9.95 -14.41
N ASN E 125 10.15 10.86 -14.91
CA ASN E 125 9.04 10.50 -15.80
C ASN E 125 8.91 11.51 -16.94
N LEU E 126 7.89 11.32 -17.78
CA LEU E 126 7.66 12.18 -18.93
C LEU E 126 7.53 13.66 -18.56
N ASP E 127 6.72 13.93 -17.55
CA ASP E 127 6.44 15.30 -17.13
C ASP E 127 7.68 16.06 -16.67
N MET E 128 8.76 15.33 -16.42
CA MET E 128 10.01 15.94 -15.97
C MET E 128 10.90 16.27 -17.16
N MET E 129 10.60 15.65 -18.30
CA MET E 129 11.37 15.90 -19.51
C MET E 129 10.93 17.20 -20.17
N THR E 130 11.90 17.91 -20.75
CA THR E 130 11.62 19.12 -21.51
C THR E 130 12.17 18.95 -22.92
N PHE E 131 11.34 19.27 -23.91
CA PHE E 131 11.71 19.09 -25.31
C PHE E 131 11.88 20.44 -25.98
N GLY E 132 12.79 20.52 -26.94
CA GLY E 132 13.06 21.76 -27.64
C GLY E 132 13.05 21.62 -29.15
N ASN E 133 12.70 22.70 -29.85
CA ASN E 133 12.66 22.70 -31.31
C ASN E 133 13.72 23.65 -31.91
N GLN E 134 14.76 23.97 -31.15
CA GLN E 134 15.84 24.84 -31.64
C GLN E 134 17.19 24.11 -31.56
N THR F 1 -17.63 -19.59 -13.78
CA THR F 1 -17.19 -19.08 -15.11
C THR F 1 -18.04 -17.89 -15.54
N GLN F 2 -17.38 -16.81 -15.95
CA GLN F 2 -18.06 -15.61 -16.43
C GLN F 2 -18.16 -15.66 -17.95
N SER F 3 -19.27 -15.17 -18.48
CA SER F 3 -19.50 -15.23 -19.93
C SER F 3 -18.69 -14.10 -20.58
N PRO F 4 -18.39 -14.24 -21.88
CA PRO F 4 -17.61 -13.22 -22.56
C PRO F 4 -18.23 -11.82 -22.49
N ALA F 5 -19.55 -11.76 -22.40
CA ALA F 5 -20.27 -10.49 -22.29
C ALA F 5 -19.99 -9.82 -20.94
N LEU F 6 -20.14 -10.59 -19.86
CA LEU F 6 -19.93 -10.07 -18.52
C LEU F 6 -18.48 -9.61 -18.32
N ILE F 7 -17.54 -10.43 -18.77
CA ILE F 7 -16.12 -10.09 -18.70
C ILE F 7 -15.83 -8.80 -19.45
N ALA F 8 -16.39 -8.69 -20.65
CA ALA F 8 -16.16 -7.52 -21.51
C ALA F 8 -16.65 -6.23 -20.86
N SER F 9 -17.87 -6.27 -20.35
CA SER F 9 -18.47 -5.08 -19.74
C SER F 9 -17.70 -4.63 -18.50
N GLN F 10 -17.33 -5.59 -17.66
CA GLN F 10 -16.58 -5.29 -16.43
C GLN F 10 -15.17 -4.79 -16.73
N SER F 11 -14.54 -5.36 -17.76
CA SER F 11 -13.20 -4.95 -18.16
C SER F 11 -13.25 -3.53 -18.70
N LEU F 12 -14.32 -3.20 -19.41
CA LEU F 12 -14.49 -1.86 -19.97
C LEU F 12 -14.57 -0.80 -18.87
N GLY F 13 -15.27 -1.13 -17.79
CA GLY F 13 -15.40 -0.22 -16.67
C GLY F 13 -14.09 -0.07 -15.92
N ARG F 14 -13.36 -1.17 -15.78
CA ARG F 14 -12.10 -1.17 -15.05
C ARG F 14 -11.06 -0.32 -15.75
N CYS F 15 -11.02 -0.38 -17.08
CA CYS F 15 -10.07 0.40 -17.86
C CYS F 15 -10.46 1.89 -17.84
N THR F 16 -11.75 2.15 -17.71
CA THR F 16 -12.26 3.52 -17.66
C THR F 16 -11.92 4.18 -16.34
N GLN F 17 -12.10 3.43 -15.25
CA GLN F 17 -11.82 3.95 -13.91
C GLN F 17 -10.32 4.11 -13.66
N ALA F 18 -9.51 3.67 -14.63
CA ALA F 18 -8.07 3.76 -14.54
C ALA F 18 -7.48 4.57 -15.70
N LYS F 19 -8.37 5.14 -16.51
CA LYS F 19 -7.98 5.94 -17.68
C LYS F 19 -6.97 5.19 -18.53
N ASP F 20 -7.20 3.89 -18.72
CA ASP F 20 -6.33 3.06 -19.55
C ASP F 20 -6.86 3.01 -20.97
N ARG F 21 -6.50 4.03 -21.76
CA ARG F 21 -6.97 4.18 -23.13
C ARG F 21 -6.68 2.97 -24.02
N GLU F 22 -5.45 2.48 -23.98
CA GLU F 22 -5.04 1.41 -24.88
C GLU F 22 -5.79 0.12 -24.56
N GLY F 23 -5.90 -0.20 -23.28
CA GLY F 23 -6.65 -1.37 -22.85
C GLY F 23 -8.13 -1.22 -23.13
N TRP F 24 -8.65 -0.01 -22.98
CA TRP F 24 -10.05 0.29 -23.22
C TRP F 24 -10.43 -0.02 -24.66
N LEU F 25 -9.61 0.46 -25.60
CA LEU F 25 -9.85 0.24 -27.02
C LEU F 25 -9.57 -1.20 -27.43
N ALA F 26 -8.66 -1.84 -26.70
CA ALA F 26 -8.28 -3.22 -27.03
C ALA F 26 -9.39 -4.20 -26.72
N LEU F 27 -10.36 -3.76 -25.91
CA LEU F 27 -11.50 -4.60 -25.54
C LEU F 27 -12.59 -4.55 -26.61
N MET F 28 -12.38 -3.74 -27.64
CA MET F 28 -13.40 -3.50 -28.65
C MET F 28 -12.99 -4.06 -30.01
N ALA F 29 -13.98 -4.40 -30.82
CA ALA F 29 -13.75 -4.85 -32.19
C ALA F 29 -13.54 -3.65 -33.10
N ASP F 30 -12.95 -3.91 -34.27
CA ASP F 30 -12.65 -2.83 -35.21
C ASP F 30 -13.91 -2.19 -35.78
N ASP F 31 -15.02 -2.91 -35.73
CA ASP F 31 -16.30 -2.42 -36.23
C ASP F 31 -17.23 -2.05 -35.08
N VAL F 32 -16.65 -1.66 -33.95
CA VAL F 32 -17.42 -1.30 -32.77
C VAL F 32 -18.32 -0.10 -33.03
N VAL F 33 -19.53 -0.14 -32.46
CA VAL F 33 -20.46 0.97 -32.55
C VAL F 33 -20.95 1.34 -31.16
N ILE F 34 -20.60 2.54 -30.70
CA ILE F 34 -21.04 3.00 -29.39
C ILE F 34 -22.14 4.04 -29.55
N GLU F 35 -23.28 3.76 -28.94
CA GLU F 35 -24.43 4.66 -28.95
C GLU F 35 -24.84 5.02 -27.53
N THR F 36 -24.15 6.00 -26.95
CA THR F 36 -24.42 6.43 -25.59
C THR F 36 -24.77 7.92 -25.55
N PRO F 37 -26.07 8.24 -25.58
CA PRO F 37 -27.21 7.34 -25.65
C PRO F 37 -27.60 6.97 -27.09
N ILE F 38 -28.67 6.20 -27.22
CA ILE F 38 -29.26 5.91 -28.53
C ILE F 38 -30.03 7.15 -28.97
N GLY F 39 -29.73 7.64 -30.16
CA GLY F 39 -30.37 8.83 -30.70
C GLY F 39 -29.47 10.05 -30.69
N LYS F 40 -29.94 11.14 -31.28
CA LYS F 40 -29.14 12.35 -31.41
C LYS F 40 -28.86 13.00 -30.05
N SER F 41 -27.58 13.31 -29.80
CA SER F 41 -27.16 13.90 -28.53
C SER F 41 -25.73 14.41 -28.62
N VAL F 42 -25.28 15.12 -27.58
CA VAL F 42 -23.91 15.64 -27.57
C VAL F 42 -22.87 14.53 -27.60
N THR F 43 -23.20 13.39 -27.02
CA THR F 43 -22.30 12.24 -27.02
C THR F 43 -22.61 11.27 -28.16
N ASN F 44 -23.60 11.61 -28.97
CA ASN F 44 -23.94 10.83 -30.17
C ASN F 44 -24.45 11.79 -31.24
N PRO F 45 -23.54 12.60 -31.81
CA PRO F 45 -23.86 13.75 -32.68
C PRO F 45 -24.85 13.46 -33.81
N ASP F 46 -24.59 12.43 -34.61
CA ASP F 46 -25.44 12.13 -35.76
C ASP F 46 -26.61 11.22 -35.39
N GLY F 47 -26.60 10.70 -34.17
CA GLY F 47 -27.68 9.86 -33.69
C GLY F 47 -27.65 8.47 -34.28
N SER F 48 -26.55 8.15 -34.97
CA SER F 48 -26.39 6.83 -35.59
C SER F 48 -25.22 6.08 -34.97
N GLY F 49 -24.58 6.69 -33.97
CA GLY F 49 -23.53 6.04 -33.20
C GLY F 49 -22.12 6.39 -33.66
N ILE F 50 -21.17 6.16 -32.78
CA ILE F 50 -19.75 6.35 -33.11
C ILE F 50 -19.15 5.05 -33.61
N LYS F 51 -18.75 5.04 -34.89
CA LYS F 51 -18.30 3.85 -35.59
C LYS F 51 -16.81 3.81 -35.92
N GLY F 52 -16.17 2.72 -35.50
CA GLY F 52 -14.77 2.46 -35.76
C GLY F 52 -13.93 2.82 -34.54
N LYS F 53 -12.81 2.14 -34.35
CA LYS F 53 -11.96 2.34 -33.18
C LYS F 53 -11.33 3.72 -33.11
N GLU F 54 -11.12 4.32 -34.28
CA GLU F 54 -10.51 5.65 -34.35
C GLU F 54 -11.46 6.72 -33.81
N ALA F 55 -12.72 6.66 -34.24
CA ALA F 55 -13.72 7.63 -33.81
C ALA F 55 -14.04 7.52 -32.32
N VAL F 56 -14.10 6.29 -31.82
CA VAL F 56 -14.31 6.05 -30.39
C VAL F 56 -13.05 6.37 -29.59
N GLY F 57 -11.89 6.33 -30.25
CA GLY F 57 -10.65 6.74 -29.62
C GLY F 57 -10.70 8.24 -29.39
N ALA F 58 -11.24 8.95 -30.38
CA ALA F 58 -11.45 10.40 -30.27
C ALA F 58 -12.49 10.67 -29.19
N PHE F 59 -13.53 9.85 -29.16
CA PHE F 59 -14.58 9.95 -28.15
C PHE F 59 -14.01 9.84 -26.74
N TRP F 60 -13.07 8.92 -26.54
CA TRP F 60 -12.42 8.74 -25.25
C TRP F 60 -11.70 10.02 -24.85
N ASP F 61 -10.92 10.57 -25.77
CA ASP F 61 -10.18 11.79 -25.53
C ASP F 61 -11.12 12.97 -25.23
N THR F 62 -12.19 13.07 -26.02
CA THR F 62 -13.09 14.20 -25.94
C THR F 62 -13.99 14.20 -24.69
N HIS F 63 -14.40 13.01 -24.25
CA HIS F 63 -15.44 12.90 -23.23
C HIS F 63 -15.07 12.06 -22.00
N ILE F 64 -13.97 11.31 -22.07
CA ILE F 64 -13.64 10.38 -20.99
C ILE F 64 -12.30 10.72 -20.34
N ALA F 65 -11.27 10.92 -21.15
CA ALA F 65 -9.90 11.10 -20.65
C ALA F 65 -9.82 12.12 -19.52
N ASP F 66 -10.25 13.35 -19.80
CA ASP F 66 -10.12 14.44 -18.83
C ASP F 66 -11.47 14.79 -18.18
N ASP F 67 -12.36 13.81 -18.11
CA ASP F 67 -13.70 14.03 -17.56
C ASP F 67 -13.98 13.16 -16.34
N ARG F 68 -12.96 12.44 -15.87
CA ARG F 68 -13.08 11.64 -14.65
C ARG F 68 -14.30 10.71 -14.67
N VAL F 69 -14.51 10.03 -15.79
CA VAL F 69 -15.71 9.20 -15.95
C VAL F 69 -15.67 7.96 -15.06
N THR F 70 -16.78 7.73 -14.37
CA THR F 70 -16.94 6.55 -13.52
C THR F 70 -18.30 5.88 -13.75
N VAL F 71 -18.26 4.58 -14.00
CA VAL F 71 -19.47 3.79 -14.18
C VAL F 71 -19.66 2.83 -13.02
N THR F 72 -20.88 2.76 -12.51
CA THR F 72 -21.21 1.88 -11.40
C THR F 72 -22.35 0.95 -11.81
N CYS F 73 -22.16 -0.35 -11.61
CA CYS F 73 -23.20 -1.32 -11.93
C CYS F 73 -24.18 -1.42 -10.76
N GLU F 74 -25.46 -1.25 -11.07
CA GLU F 74 -26.51 -1.31 -10.05
C GLU F 74 -27.20 -2.67 -10.09
N GLU F 75 -27.37 -3.20 -11.30
CA GLU F 75 -28.02 -4.48 -11.50
C GLU F 75 -27.63 -5.07 -12.85
N THR F 76 -27.40 -6.38 -12.87
CA THR F 76 -27.00 -7.08 -14.08
C THR F 76 -28.12 -7.97 -14.59
N PHE F 77 -28.37 -7.91 -15.89
CA PHE F 77 -29.37 -8.75 -16.53
C PHE F 77 -28.73 -9.59 -17.64
N PRO F 78 -28.28 -10.81 -17.30
CA PRO F 78 -27.79 -11.68 -18.37
C PRO F 78 -28.92 -12.12 -19.29
N SER F 79 -28.57 -12.50 -20.51
CA SER F 79 -29.53 -13.10 -21.42
C SER F 79 -29.24 -14.59 -21.50
N SER F 80 -29.85 -15.27 -22.46
CA SER F 80 -29.57 -16.69 -22.67
C SER F 80 -28.47 -16.87 -23.71
N SER F 81 -27.80 -15.76 -24.04
CA SER F 81 -26.63 -15.78 -24.91
C SER F 81 -25.42 -15.26 -24.13
N PRO F 82 -24.27 -15.97 -24.23
CA PRO F 82 -23.09 -15.49 -23.48
C PRO F 82 -22.44 -14.26 -24.10
N ASP F 83 -22.94 -13.82 -25.26
CA ASP F 83 -22.33 -12.72 -25.98
C ASP F 83 -23.09 -11.41 -25.83
N GLU F 84 -24.24 -11.45 -25.16
CA GLU F 84 -25.04 -10.25 -24.94
C GLU F 84 -25.51 -10.16 -23.49
N ILE F 85 -25.44 -8.94 -22.95
CA ILE F 85 -25.78 -8.69 -21.56
C ILE F 85 -26.34 -7.29 -21.40
N ALA F 86 -27.06 -7.05 -20.31
CA ALA F 86 -27.61 -5.72 -20.03
C ALA F 86 -27.31 -5.33 -18.59
N HIS F 87 -27.04 -4.03 -18.39
CA HIS F 87 -26.72 -3.49 -17.08
C HIS F 87 -27.52 -2.22 -16.81
N ILE F 88 -27.89 -2.01 -15.55
CA ILE F 88 -28.34 -0.71 -15.09
C ILE F 88 -27.12 -0.02 -14.51
N LEU F 89 -26.65 1.02 -15.18
CA LEU F 89 -25.44 1.72 -14.80
C LEU F 89 -25.73 3.13 -14.32
N VAL F 90 -24.86 3.64 -13.46
CA VAL F 90 -24.89 5.03 -13.05
C VAL F 90 -23.57 5.65 -13.50
N ALA F 91 -23.63 6.54 -14.45
CA ALA F 91 -22.42 7.14 -14.96
C ALA F 91 -22.15 8.52 -14.42
N HIS F 92 -20.91 8.76 -14.00
CA HIS F 92 -20.50 10.03 -13.47
C HIS F 92 -19.43 10.66 -14.30
N ALA F 93 -19.38 11.98 -14.31
CA ALA F 93 -18.40 12.67 -15.10
C ALA F 93 -18.11 14.06 -14.61
N GLU F 94 -17.05 14.64 -15.16
CA GLU F 94 -16.64 16.01 -14.82
C GLU F 94 -16.43 16.83 -16.08
N GLY F 98 -15.53 22.14 -14.20
CA GLY F 98 -15.60 21.48 -12.91
C GLY F 98 -17.00 21.00 -12.57
N PHE F 99 -17.95 21.31 -13.43
CA PHE F 99 -19.33 20.88 -13.27
C PHE F 99 -19.43 19.35 -13.42
N THR F 100 -20.39 18.75 -12.72
CA THR F 100 -20.55 17.30 -12.71
C THR F 100 -21.91 16.89 -13.30
N SER F 101 -21.96 15.68 -13.84
CA SER F 101 -23.17 15.11 -14.41
C SER F 101 -23.35 13.66 -14.00
N GLU F 102 -24.57 13.23 -13.75
CA GLU F 102 -24.85 11.87 -13.35
C GLU F 102 -26.11 11.37 -14.01
N VAL F 103 -26.08 10.15 -14.54
CA VAL F 103 -27.25 9.60 -15.20
C VAL F 103 -27.43 8.12 -14.95
N ARG F 104 -28.68 7.68 -14.80
CA ARG F 104 -28.94 6.27 -14.55
C ARG F 104 -29.78 5.68 -15.68
N GLY F 105 -29.24 4.68 -16.38
CA GLY F 105 -29.93 4.08 -17.49
C GLY F 105 -29.57 2.63 -17.73
N VAL F 106 -30.23 2.03 -18.72
CA VAL F 106 -29.94 0.66 -19.14
C VAL F 106 -28.90 0.67 -20.25
N PHE F 107 -27.87 -0.15 -20.08
CA PHE F 107 -26.80 -0.27 -21.08
C PHE F 107 -26.64 -1.71 -21.53
N THR F 108 -26.79 -1.93 -22.83
CA THR F 108 -26.67 -3.25 -23.43
C THR F 108 -25.32 -3.42 -24.12
N TYR F 109 -24.73 -4.61 -23.96
CA TYR F 109 -23.44 -4.92 -24.55
C TYR F 109 -23.56 -6.09 -25.53
N ARG F 110 -22.64 -6.17 -26.47
CA ARG F 110 -22.55 -7.29 -27.39
C ARG F 110 -21.11 -7.55 -27.79
N VAL F 111 -20.72 -8.82 -27.75
CA VAL F 111 -19.37 -9.23 -28.16
C VAL F 111 -19.45 -10.23 -29.30
N ASN F 112 -18.37 -10.32 -30.07
CA ASN F 112 -18.27 -11.30 -31.16
C ASN F 112 -17.67 -12.60 -30.64
N LYS F 113 -17.39 -13.53 -31.55
CA LYS F 113 -16.83 -14.83 -31.17
C LYS F 113 -15.50 -14.68 -30.44
N ALA F 114 -14.73 -13.65 -30.82
CA ALA F 114 -13.44 -13.39 -30.20
C ALA F 114 -13.60 -12.75 -28.82
N GLY F 115 -14.82 -12.32 -28.49
CA GLY F 115 -15.11 -11.74 -27.19
C GLY F 115 -14.89 -10.24 -27.14
N LEU F 116 -14.69 -9.63 -28.30
CA LEU F 116 -14.46 -8.19 -28.38
C LEU F 116 -15.77 -7.42 -28.53
N ILE F 117 -15.87 -6.27 -27.85
CA ILE F 117 -17.09 -5.46 -27.88
C ILE F 117 -17.35 -4.90 -29.28
N THR F 118 -18.57 -5.12 -29.77
CA THR F 118 -19.00 -4.61 -31.06
C THR F 118 -20.11 -3.57 -30.90
N ASN F 119 -20.84 -3.65 -29.79
CA ASN F 119 -21.96 -2.75 -29.54
C ASN F 119 -22.09 -2.36 -28.07
N LEU F 120 -22.25 -1.06 -27.83
CA LEU F 120 -22.57 -0.53 -26.50
C LEU F 120 -23.62 0.55 -26.68
N ARG F 121 -24.81 0.29 -26.15
CA ARG F 121 -25.95 1.17 -26.38
C ARG F 121 -26.59 1.60 -25.05
N GLY F 122 -26.94 2.89 -24.96
CA GLY F 122 -27.49 3.45 -23.74
C GLY F 122 -28.91 3.97 -23.90
N TYR F 123 -29.77 3.60 -22.95
CA TYR F 123 -31.16 4.07 -22.92
C TYR F 123 -31.36 5.16 -21.87
N TYR F 124 -31.20 6.42 -22.28
CA TYR F 124 -31.41 7.56 -21.39
C TYR F 124 -31.56 8.87 -22.18
N ASN F 125 -32.08 9.90 -21.52
CA ASN F 125 -32.22 11.23 -22.12
C ASN F 125 -31.85 12.35 -21.14
N LEU F 126 -32.02 13.60 -21.56
CA LEU F 126 -31.63 14.76 -20.74
C LEU F 126 -32.33 14.73 -19.40
N ASP F 127 -33.63 14.49 -19.48
CA ASP F 127 -34.52 14.57 -18.32
C ASP F 127 -34.13 13.59 -17.23
N MET F 128 -33.29 12.62 -17.59
CA MET F 128 -32.80 11.64 -16.64
C MET F 128 -31.45 12.06 -16.06
N MET F 129 -30.76 12.97 -16.74
CA MET F 129 -29.46 13.44 -16.27
C MET F 129 -29.61 14.47 -15.16
N THR F 130 -28.70 14.40 -14.20
CA THR F 130 -28.66 15.35 -13.10
C THR F 130 -27.30 16.03 -13.07
N PHE F 131 -27.31 17.35 -12.96
CA PHE F 131 -26.08 18.13 -12.96
C PHE F 131 -25.82 18.76 -11.60
N GLY F 132 -24.55 18.94 -11.27
CA GLY F 132 -24.14 19.48 -9.98
C GLY F 132 -23.23 20.68 -10.15
N ASN F 133 -23.24 21.54 -9.15
CA ASN F 133 -22.44 22.76 -9.15
C ASN F 133 -21.32 22.69 -8.11
N GLN F 134 -21.09 21.49 -7.58
CA GLN F 134 -20.05 21.27 -6.57
C GLN F 134 -19.08 20.19 -7.03
CAA 3QZ G . 20.24 8.79 13.43
CAB 3QZ G . 14.83 6.05 8.57
CAC 3QZ G . 19.03 6.88 10.47
OAD 3QZ G . 21.62 8.19 11.61
OAE 3QZ G . 10.86 8.49 7.25
OAF 3QZ G . 19.09 10.42 11.60
CAG 3QZ G . 13.11 8.19 6.89
CAH 3QZ G . 15.47 8.27 6.62
CAI 3QZ G . 12.01 7.36 9.00
CAJ 3QZ G . 16.60 8.98 7.30
CAK 3QZ G . 16.17 7.56 10.79
CAL 3QZ G . 19.51 9.01 8.63
CAM 3QZ G . 13.30 7.66 9.69
CAN 3QZ G . 17.30 8.33 11.46
CAO 3QZ G . 20.33 9.68 9.71
CAP 3QZ G . 20.59 8.71 11.99
CAQ 3QZ G . 11.91 8.05 7.69
CAR 3QZ G . 14.29 8.19 7.49
CAS 3QZ G . 17.01 8.25 8.55
CAT 3QZ G . 15.78 8.19 9.46
CAU 3QZ G . 18.15 8.95 9.27
CAV 3QZ G . 14.54 7.52 8.81
CAW 3QZ G . 18.53 8.31 10.60
CAX 3QZ G . 19.65 9.29 11.02
HAA 3QZ G . 20.93 9.45 13.95
HAAA 3QZ G . 20.24 7.80 13.88
HAAB 3QZ G . 19.23 9.20 13.52
HAB 3QZ G . 14.05 5.42 9.01
HABA 3QZ G . 14.86 5.82 7.50
HABB 3QZ G . 15.78 5.76 8.99
HAC 3QZ G . 19.38 6.51 11.44
HACA 3QZ G . 19.88 6.79 9.78
HACB 3QZ G . 18.26 6.20 10.11
HOAF 3QZ G . 19.75 11.14 11.57
HAG 3QZ G . 12.98 8.57 5.90
HAH 3QZ G . 15.21 8.80 5.70
HAHA 3QZ G . 15.82 7.27 6.33
HAI 3QZ G . 11.17 7.69 9.62
HAIA 3QZ G . 11.89 6.29 8.82
HAJ 3QZ G . 16.26 9.99 7.55
HAJA 3QZ G . 17.44 9.09 6.61
HAK 3QZ G . 15.31 7.49 11.46
HAKA 3QZ G . 16.52 6.55 10.62
HAL 3QZ G . 19.52 9.60 7.71
HALA 3QZ G . 19.92 8.02 8.42
HAM 3QZ G . 13.40 6.97 10.54
HAMA 3QZ G . 13.24 8.66 10.12
HAN 3QZ G . 17.49 7.87 12.43
HANA 3QZ G . 16.97 9.35 11.64
HAO 3QZ G . 20.34 10.75 9.54
HAOA 3QZ G . 21.36 9.33 9.65
HAS 3QZ G . 17.31 7.24 8.26
HAT 3QZ G . 15.51 9.23 9.68
HAU 3QZ G . 17.84 9.98 9.46
NA NA H . 9.08 12.58 3.85
CAA 3QZ I . -29.13 -3.14 8.74
CAB 3QZ I . -22.31 -5.90 10.64
CAC 3QZ I . -26.81 -5.89 9.55
OAD 3QZ I . -30.04 -5.21 9.31
OAE 3QZ I . -19.54 -3.61 13.97
OAF 3QZ I . -28.50 -3.17 11.42
CAG 3QZ I . -21.25 -5.14 13.69
CAH 3QZ I . -23.40 -6.22 13.72
CAI 3QZ I . -20.46 -3.64 11.82
CAJ 3QZ I . -24.80 -5.71 13.57
CAK 3QZ I . -24.65 -4.11 10.09
CAL 3QZ I . -27.64 -6.01 12.40
CAM 3QZ I . -21.89 -3.57 11.40
CAN 3QZ I . -26.08 -3.61 10.12
CAO 3QZ I . -28.89 -5.47 11.75
CAP 3QZ I . -29.28 -4.34 9.60
CAQ 3QZ I . -20.35 -4.09 13.22
CAR 3QZ I . -22.40 -5.33 13.07
CAS 3QZ I . -25.14 -5.55 12.11
CAT 3QZ I . -24.21 -4.49 11.51
CAU 3QZ I . -26.56 -5.07 11.97
CAV 3QZ I . -22.70 -4.85 11.67
CAW 3QZ I . -26.96 -4.75 10.55
CAX 3QZ I . -28.42 -4.41 10.80
HAA 3QZ I . -28.81 -3.44 7.74
HAAA 3QZ I . -28.43 -2.44 9.17
HAAB 3QZ I . -30.10 -2.65 8.66
HAB 3QZ I . -22.19 -6.88 11.10
HABA 3QZ I . -21.36 -5.65 10.16
HABB 3QZ I . -23.06 -5.98 9.85
HAC 3QZ I . -26.48 -6.79 10.06
HACA 3QZ I . -27.74 -6.15 9.04
HACB 3QZ I . -26.08 -5.66 8.77
HOAF 3QZ I . -29.40 -3.07 11.77
HAG 3QZ I . -21.12 -5.44 14.72
HAH 3QZ I . -23.34 -7.21 13.28
HAHA 3QZ I . -23.19 -6.33 14.78
HAI 3QZ I . -20.02 -2.64 11.76
HAIA 3QZ I . -19.87 -4.31 11.19
HAJ 3QZ I . -25.47 -6.41 14.05
HAJA 3QZ I . -24.90 -4.76 14.09
HAK 3QZ I . -24.57 -4.95 9.42
HAKA 3QZ I . -24.02 -3.31 9.70
HAL 3QZ I . -27.75 -6.04 13.49
HALA 3QZ I . -27.45 -7.03 12.07
HAM 3QZ I . -22.36 -2.74 11.93
HAMA 3QZ I . -21.93 -3.31 10.34
HAN 3QZ I . -26.34 -3.25 9.12
HANA 3QZ I . -26.17 -2.77 10.81
HAO 3QZ I . -29.43 -6.29 11.26
HAOA 3QZ I . -29.56 -5.05 12.51
HAS 3QZ I . -25.00 -6.50 11.61
HAT 3QZ I . -24.37 -3.59 12.11
HAU 3QZ I . -26.67 -4.16 12.58
NA NA J . -18.70 -2.87 19.77
CAA 3QZ K . -4.46 25.08 19.97
CAB 3QZ K . -7.02 18.22 22.32
CAC 3QZ K . -5.74 22.83 22.71
OAD 3QZ K . -4.30 25.71 22.20
OAE 3QZ K . -4.95 14.11 20.69
OAF 3QZ K . -2.57 23.31 20.74
CAG 3QZ K . -4.54 15.89 22.13
CAH 3QZ K . -4.06 17.75 23.60
CAI 3QZ K . -6.26 16.03 20.28
CAJ 3QZ K . -3.35 19.02 23.25
CAK 3QZ K . -5.84 20.55 20.82
CAL 3QZ K . -3.12 22.16 23.65
CAM 3QZ K . -5.93 17.51 20.25
CAN 3QZ K . -5.09 21.84 20.55
CAO 3QZ K . -2.83 23.53 23.06
CAP 3QZ K . -4.11 24.86 21.38
CAQ 3QZ K . -5.22 15.25 21.00
CAR 3QZ K . -4.80 17.15 22.46
CAS 3QZ K . -4.34 20.04 22.77
CAT 3QZ K . -4.96 19.48 21.47
CAU 3QZ K . -3.66 21.37 22.49
CAV 3QZ K . -5.67 18.10 21.64
CAW 3QZ K . -4.56 22.43 21.84
CAX 3QZ K . -3.54 23.55 21.72
HAA 3QZ K . -5.48 25.46 19.89
HAAA 3QZ K . -4.35 24.17 19.38
HAAB 3QZ K . -3.79 25.83 19.55
HAB 3QZ K . -6.93 18.06 23.39
HABA 3QZ K . -7.44 19.22 22.17
HABB 3QZ K . -7.73 17.51 21.92
HAC 3QZ K . -6.66 22.88 22.11
HACA 3QZ K . -5.93 22.12 23.53
HACB 3QZ K . -5.60 23.81 23.18
HOAF 3QZ K . -1.86 23.94 20.86
HAG 3QZ K . -3.61 15.43 22.42
HAH 3QZ K . -3.33 17.02 23.96
HAHA 3QZ K . -4.73 17.95 24.44
HAI 3QZ K . -6.31 15.66 19.25
HAIA 3QZ K . -7.22 15.85 20.75
HAJ 3QZ K . -2.62 18.81 22.47
HAJA 3QZ K . -2.81 19.40 24.12
HAK 3QZ K . -6.27 20.17 19.88
HAKA 3QZ K . -6.68 20.79 21.47
HAL 3QZ K . -3.85 22.25 24.46
HALA 3QZ K . -2.20 21.71 24.05
HAM 3QZ K . -5.05 17.66 19.63
HAMA 3QZ K . -6.75 18.05 19.77
HAN 3QZ K . -4.28 21.62 19.86
HANA 3QZ K . -5.75 22.54 20.05
HAO 3QZ K . -1.74 23.64 22.96
HAOA 3QZ K . -3.19 24.30 23.72
HAS 3QZ K . -5.11 20.17 23.53
HAT 3QZ K . -4.13 19.31 20.78
HAU 3QZ K . -2.81 21.17 21.83
CAA 3QZ L . 19.72 -25.81 0.31
CAB 3QZ L . 12.24 -23.33 -1.37
CAC 3QZ L . 15.87 -25.84 0.73
OAD 3QZ L . 18.39 -27.43 1.46
OAE 3QZ L . 10.95 -22.69 -6.21
OAF 3QZ L . 18.48 -26.62 -1.89
CAG 3QZ L . 11.37 -24.35 -4.58
CAH 3QZ L . 11.90 -26.12 -2.98
CAI 3QZ L . 12.07 -21.91 -4.23
CAJ 3QZ L . 13.28 -26.74 -2.90
CAK 3QZ L . 15.35 -23.74 -1.51
CAL 3QZ L . 15.55 -28.11 -1.24
CAM 3QZ L . 13.27 -22.51 -3.52
CAN 3QZ L . 16.66 -24.51 -1.28
CAO 3QZ L . 17.04 -28.32 -0.93
CAP 3QZ L . 18.56 -26.77 0.43
CAQ 3QZ L . 11.43 -22.96 -5.10
CAR 3QZ L . 12.00 -24.68 -3.44
CAS 3QZ L . 14.13 -25.98 -1.89
CAT 3QZ L . 14.33 -24.52 -2.39
CAU 3QZ L . 15.50 -26.65 -1.71
CAV 3QZ L . 12.96 -23.77 -2.67
CAW 3QZ L . 16.43 -25.93 -0.72
CAX 3QZ L . 17.65 -26.90 -0.76
HAA 3QZ L . 20.50 -26.24 -0.32
HAAA 3QZ L . 20.11 -25.55 1.29
HAAB 3QZ L . 19.37 -24.89 -0.17
HAB 3QZ L . 11.47 -22.57 -1.57
HABA 3QZ L . 12.94 -22.90 -0.65
HABB 3QZ L . 11.74 -24.16 -0.87
HAC 3QZ L . 14.93 -25.28 0.75
HACA 3QZ L . 16.55 -25.32 1.42
HACB 3QZ L . 15.67 -26.82 1.17
HOAF 3QZ L . 19.20 -27.26 -1.90
HAG 3QZ L . 10.75 -25.04 -5.12
HAH 3QZ L . 11.28 -26.68 -3.69
HAHA 3QZ L . 11.41 -26.20 -2.00
HAI 3QZ L . 11.34 -21.59 -3.48
HAIA 3QZ L . 12.33 -21.06 -4.84
HAJ 3QZ L . 13.74 -26.71 -3.89
HAJA 3QZ L . 13.20 -27.80 -2.62
HAK 3QZ L . 15.58 -22.77 -1.94
HAKA 3QZ L . 14.91 -23.54 -0.52
HAL 3QZ L . 14.94 -28.26 -0.35
HALA 3QZ L . 15.21 -28.80 -2.02
HAM 3QZ L . 14.02 -22.76 -4.29
HAMA 3QZ L . 13.73 -21.72 -2.91
HAN 3QZ L . 17.20 -24.55 -2.24
HANA 3QZ L . 17.30 -23.93 -0.60
HAO 3QZ L . 17.49 -28.88 -1.76
HAOA 3QZ L . 17.16 -28.92 -0.03
HAS 3QZ L . 13.60 -25.98 -0.93
HAT 3QZ L . 14.83 -24.61 -3.37
HAU 3QZ L . 15.98 -26.65 -2.71
NA NA M . 9.24 -25.33 -11.39
CAA 3QZ N . 16.98 9.40 -24.72
CAB 3QZ N . 21.69 5.38 -19.55
CAC 3QZ N . 17.46 7.21 -21.39
OAD 3QZ N . 15.36 8.87 -23.04
OAE 3QZ N . 26.03 7.20 -18.21
OAF 3QZ N . 18.29 10.64 -22.80
CAG 3QZ N . 23.71 7.49 -17.91
CAH 3QZ N . 21.34 8.02 -17.62
CAI 3QZ N . 24.67 6.30 -19.97
CAJ 3QZ N . 20.48 8.97 -18.45
CAK 3QZ N . 20.48 7.06 -21.85
CAL 3QZ N . 17.75 9.74 -19.77
CAM 3QZ N . 23.44 6.84 -20.67
CAN 3QZ N . 19.52 8.00 -22.61
CAO 3QZ N . 16.83 10.17 -20.93
CAP 3QZ N . 16.50 9.27 -23.30
CAQ 3QZ N . 24.89 7.01 -18.66
CAR 3QZ N . 22.48 7.47 -18.43
CAS 3QZ N . 19.90 8.22 -19.64
CAT 3QZ N . 21.06 7.71 -20.56
CAU 3QZ N . 18.96 9.12 -20.46
CAV 3QZ N . 22.14 6.85 -19.80
CAW 3QZ N . 18.35 8.44 -21.72
CAX 3QZ N . 17.48 9.62 -22.21
HAA 3QZ N . 16.99 10.44 -25.02
HAAA 3QZ N . 17.96 8.95 -24.85
HAAB 3QZ N . 16.28 8.85 -25.38
HAB 3QZ N . 21.27 4.93 -20.45
HABA 3QZ N . 22.54 4.75 -19.26
HABB 3QZ N . 20.95 5.30 -18.76
HAC 3QZ N . 16.42 7.51 -21.26
HACA 3QZ N . 17.75 6.70 -20.46
HACB 3QZ N . 17.48 6.46 -22.18
HOAF 3QZ N . 17.80 11.48 -22.79
HAG 3QZ N . 23.90 7.88 -16.91
HAH 3QZ N . 20.72 7.19 -17.26
HAHA 3QZ N . 21.70 8.55 -16.74
HAI 3QZ N . 24.52 5.24 -19.75
HAIA 3QZ N . 25.57 6.40 -20.58
HAJ 3QZ N . 19.69 9.37 -17.81
HAJA 3QZ N . 21.08 9.82 -18.78
HAK 3QZ N . 19.95 6.13 -21.62
HAKA 3QZ N . 21.29 6.79 -22.54
HAL 3QZ N . 17.25 9.02 -19.12
HALA 3QZ N . 18.03 10.60 -19.16
HAM 3QZ N . 23.66 7.86 -21.00
HAMA 3QZ N . 23.28 6.25 -21.59
HAN 3QZ N . 19.16 7.47 -23.50
HANA 3QZ N . 20.09 8.87 -22.96
HAO 3QZ N . 15.83 9.77 -20.75
HAOA 3QZ N . 16.75 11.26 -20.95
HAS 3QZ N . 19.33 7.37 -19.25
HAT 3QZ N . 21.58 8.62 -20.90
HAU 3QZ N . 19.58 9.97 -20.79
CAA 3QZ O . -20.41 12.41 -19.91
CAB 3QZ O . -19.29 4.72 -22.54
CAC 3QZ O . -21.28 9.22 -22.26
OAD 3QZ O . -22.29 12.00 -21.32
OAE 3QZ O . -17.85 1.25 -19.31
OAF 3QZ O . -21.13 10.21 -18.60
CAG 3QZ O . -19.68 2.54 -20.03
CAH 3QZ O . -21.62 4.01 -20.35
CAI 3QZ O . -17.29 3.16 -20.66
CAJ 3QZ O . -21.91 5.36 -19.74
CAK 3QZ O . -18.95 7.50 -21.10
CAL 3QZ O . -23.14 8.19 -20.14
CAM 3QZ O . -17.75 4.61 -20.54
CAN 3QZ O . -19.45 8.86 -20.56
CAO 3QZ O . -23.14 9.71 -19.84
CAP 3QZ O . -21.52 11.55 -20.46
CAQ 3QZ O . -18.24 2.24 -19.95
CAR 3QZ O . -20.12 3.74 -20.41
CAS 3QZ O . -21.24 6.46 -20.58
CAT 3QZ O . -19.70 6.27 -20.49
CAU 3QZ O . -21.66 7.83 -20.07
CAV 3QZ O . -19.22 4.85 -21.00
CAW 3QZ O . -20.97 9.04 -20.74
CAX 3QZ O . -21.67 10.16 -19.92
HAA 3QZ O . -19.49 11.81 -19.84
HAAA 3QZ O . -20.67 12.81 -18.94
HAAB 3QZ O . -20.23 13.25 -20.59
HAB 3QZ O . -20.32 4.73 -22.90
HABA 3QZ O . -18.78 5.56 -23.04
HABB 3QZ O . -18.81 3.80 -22.90
HAC 3QZ O . -20.76 10.09 -22.67
HACA 3QZ O . -22.34 9.36 -22.46
HACB 3QZ O . -20.97 8.34 -22.85
HOAF 3QZ O . -21.78 10.66 -18.03
HAG 3QZ O . -20.36 1.76 -19.68
HAH 3QZ O . -22.09 3.21 -19.76
HAHA 3QZ O . -22.07 3.96 -21.35
HAI 3QZ O . -17.25 2.88 -21.71
HAIA 3QZ O . -16.28 3.02 -20.24
HAJ 3QZ O . -22.99 5.51 -19.71
HAJA 3QZ O . -21.54 5.40 -18.71
HAK 3QZ O . -19.04 7.49 -22.19
HAKA 3QZ O . -17.88 7.43 -20.88
HAL 3QZ O . -23.74 7.64 -19.41
HALA 3QZ O . -23.55 8.00 -21.13
HAM 3QZ O . -17.08 5.22 -21.16
HAMA 3QZ O . -17.61 4.94 -19.51
HAN 3QZ O . -18.90 9.65 -21.06
HANA 3QZ O . -19.19 8.93 -19.49
HAO 3QZ O . -23.80 10.21 -20.56
HAOA 3QZ O . -23.58 9.89 -18.85
HAS 3QZ O . -21.57 6.33 -21.61
HAT 3QZ O . -19.46 6.30 -19.42
HAU 3QZ O . -21.41 7.85 -18.99
#